data_3ZZF
#
_entry.id   3ZZF
#
_cell.length_a   69.701
_cell.length_b   99.299
_cell.length_c   190.644
_cell.angle_alpha   90.00
_cell.angle_beta   90.00
_cell.angle_gamma   90.00
#
_symmetry.space_group_name_H-M   'P 21 21 21'
#
loop_
_entity.id
_entity.type
_entity.pdbx_description
1 polymer 'ACETYLGLUTAMATE KINASE'
2 non-polymer 1,2-ETHANEDIOL
3 non-polymer GLYCEROL
4 non-polymer 'MERCURY (II) ION'
5 non-polymer N-ACETYL-L-GLUTAMATE
6 non-polymer 'CHLORIDE ION'
7 water water
#
_entity_poly.entity_id   1
_entity_poly.type   'polypeptide(L)'
_entity_poly.pdbx_seq_one_letter_code
;MGHHHHHHVSSTNGFSATRSTVIQLLNNISTKREVEQYLKYFTSVSQQQFAVIKVGGAIISDNLHELASCLAFLYHVGLY
PIVLHGTGPQVNGRLEAQGIEPDYIDGIRITDEHTMAVVRKCFLEQNLKLVTALEQLGVRARPITSGVFTADYLDKDKYK
LVGNIKSVTKEPIEASIKAGALPILTSLAETASGQMLNVNADVAAGELARVFEPLKIVYLNEKGGIINGSTGEKISMINL
DEEYDDLMKQSWVKYGTKLKIREIKELLDYLPRSSSVAIINVQDLQKELFTDSGAGTMIRRGYKLVK
;
_entity_poly.pdbx_strand_id   A,B,C,D
#
# COMPACT_ATOMS: atom_id res chain seq x y z
N ASN A 13 9.21 -0.90 -16.35
CA ASN A 13 9.85 0.34 -15.79
C ASN A 13 9.92 0.30 -14.26
N GLY A 14 8.75 0.20 -13.62
CA GLY A 14 8.64 0.31 -12.16
C GLY A 14 9.17 -0.89 -11.40
N PHE A 15 10.23 -0.67 -10.62
CA PHE A 15 10.82 -1.68 -9.76
C PHE A 15 10.20 -1.57 -8.38
N SER A 16 9.58 -2.64 -7.90
CA SER A 16 9.04 -2.66 -6.54
C SER A 16 9.02 -4.07 -5.98
N ALA A 17 10.08 -4.42 -5.25
CA ALA A 17 10.28 -5.78 -4.78
C ALA A 17 9.48 -6.03 -3.51
N THR A 18 8.51 -6.94 -3.59
CA THR A 18 7.75 -7.36 -2.43
C THR A 18 8.58 -8.36 -1.64
N ARG A 19 8.05 -8.78 -0.48
CA ARG A 19 8.67 -9.83 0.30
C ARG A 19 8.95 -11.06 -0.56
N SER A 20 7.95 -11.52 -1.30
CA SER A 20 8.10 -12.70 -2.13
C SER A 20 9.14 -12.49 -3.23
N THR A 21 9.23 -11.28 -3.78
CA THR A 21 10.26 -10.94 -4.77
C THR A 21 11.66 -11.06 -4.19
N VAL A 22 11.84 -10.59 -2.96
CA VAL A 22 13.15 -10.67 -2.30
C VAL A 22 13.54 -12.13 -2.08
N ILE A 23 12.60 -12.93 -1.62
CA ILE A 23 12.86 -14.35 -1.37
C ILE A 23 13.15 -15.07 -2.69
N GLN A 24 12.33 -14.82 -3.72
CA GLN A 24 12.56 -15.38 -5.05
C GLN A 24 13.94 -15.06 -5.58
N LEU A 25 14.35 -13.80 -5.46
CA LEU A 25 15.68 -13.35 -5.91
C LEU A 25 16.83 -14.09 -5.23
N LEU A 26 16.77 -14.16 -3.90
CA LEU A 26 17.88 -14.66 -3.10
C LEU A 26 17.93 -16.18 -2.93
N ASN A 27 16.78 -16.85 -3.03
CA ASN A 27 16.66 -18.22 -2.53
C ASN A 27 17.64 -19.22 -3.17
N ASN A 28 18.08 -18.94 -4.39
CA ASN A 28 19.02 -19.85 -5.07
C ASN A 28 20.38 -19.23 -5.44
N ILE A 29 20.61 -17.98 -5.06
CA ILE A 29 21.94 -17.36 -5.14
C ILE A 29 22.89 -18.05 -4.17
N SER A 30 24.08 -18.40 -4.65
CA SER A 30 25.13 -19.00 -3.83
C SER A 30 26.54 -18.43 -4.07
N THR A 31 26.70 -17.59 -5.09
CA THR A 31 28.00 -17.09 -5.50
C THR A 31 27.96 -15.60 -5.78
N LYS A 32 29.14 -14.97 -5.74
CA LYS A 32 29.30 -13.57 -6.12
C LYS A 32 28.95 -13.42 -7.59
N ARG A 33 29.27 -14.45 -8.37
CA ARG A 33 29.03 -14.45 -9.79
C ARG A 33 27.53 -14.28 -10.10
N GLU A 34 26.69 -15.05 -9.40
CA GLU A 34 25.23 -14.92 -9.56
C GLU A 34 24.74 -13.54 -9.13
N VAL A 35 25.26 -13.04 -8.02
CA VAL A 35 24.94 -11.68 -7.54
C VAL A 35 25.27 -10.61 -8.59
N GLU A 36 26.47 -10.72 -9.17
N GLU A 36 26.47 -10.68 -9.16
CA GLU A 36 26.92 -9.79 -10.20
CA GLU A 36 26.90 -9.68 -10.14
C GLU A 36 26.04 -9.84 -11.44
C GLU A 36 26.12 -9.79 -11.43
N GLN A 37 25.57 -11.04 -11.77
N GLN A 37 25.57 -10.97 -11.70
CA GLN A 37 24.66 -11.18 -12.90
CA GLN A 37 24.72 -11.14 -12.87
C GLN A 37 23.38 -10.39 -12.67
C GLN A 37 23.38 -10.41 -12.68
N TYR A 38 22.76 -10.56 -11.51
CA TYR A 38 21.53 -9.81 -11.20
C TYR A 38 21.75 -8.29 -11.15
N LEU A 39 22.89 -7.88 -10.60
CA LEU A 39 23.25 -6.47 -10.54
C LEU A 39 23.32 -5.86 -11.94
N LYS A 40 23.89 -6.61 -12.89
CA LYS A 40 24.00 -6.17 -14.28
C LYS A 40 22.62 -5.89 -14.89
N TYR A 41 21.64 -6.75 -14.61
CA TYR A 41 20.30 -6.57 -15.14
C TYR A 41 19.55 -5.43 -14.43
N PHE A 42 19.79 -5.27 -13.13
CA PHE A 42 19.08 -4.26 -12.35
C PHE A 42 19.66 -2.86 -12.50
N THR A 43 20.89 -2.75 -13.01
CA THR A 43 21.52 -1.45 -13.25
C THR A 43 21.51 -1.06 -14.74
N SER A 44 20.83 -1.86 -15.56
CA SER A 44 20.84 -1.67 -17.01
C SER A 44 19.97 -0.49 -17.43
N VAL A 45 20.52 0.37 -18.29
CA VAL A 45 19.77 1.50 -18.88
C VAL A 45 19.32 1.19 -20.33
N SER A 46 19.29 -0.08 -20.70
CA SER A 46 18.86 -0.50 -22.04
C SER A 46 17.38 -0.22 -22.25
N GLN A 47 16.99 0.17 -23.46
CA GLN A 47 15.59 0.38 -23.82
C GLN A 47 15.05 -0.78 -24.69
N GLN A 48 15.93 -1.70 -25.08
CA GLN A 48 15.52 -2.93 -25.75
C GLN A 48 14.43 -3.64 -24.95
N GLN A 49 13.44 -4.19 -25.64
CA GLN A 49 12.45 -5.02 -24.99
C GLN A 49 13.14 -6.19 -24.30
N PHE A 50 12.70 -6.48 -23.09
CA PHE A 50 13.39 -7.50 -22.31
C PHE A 50 13.18 -8.92 -22.84
N ALA A 51 11.94 -9.24 -23.20
CA ALA A 51 11.59 -10.63 -23.46
C ALA A 51 10.29 -10.79 -24.21
N VAL A 52 10.27 -11.79 -25.10
CA VAL A 52 9.04 -12.38 -25.59
C VAL A 52 9.02 -13.81 -25.06
N ILE A 53 7.94 -14.16 -24.36
CA ILE A 53 7.78 -15.49 -23.77
C ILE A 53 6.54 -16.16 -24.34
N LYS A 54 6.76 -17.28 -25.02
CA LYS A 54 5.66 -18.12 -25.51
C LYS A 54 5.32 -19.15 -24.47
N VAL A 55 4.04 -19.25 -24.13
CA VAL A 55 3.56 -20.19 -23.12
C VAL A 55 2.70 -21.30 -23.71
N GLY A 56 3.16 -22.54 -23.60
CA GLY A 56 2.37 -23.69 -24.00
C GLY A 56 1.02 -23.70 -23.30
N GLY A 57 -0.04 -24.02 -24.04
CA GLY A 57 -1.39 -24.05 -23.49
C GLY A 57 -1.51 -24.94 -22.26
N ALA A 58 -0.78 -26.06 -22.26
CA ALA A 58 -0.80 -27.00 -21.14
C ALA A 58 -0.34 -26.38 -19.82
N ILE A 59 0.54 -25.38 -19.89
CA ILE A 59 1.09 -24.76 -18.69
C ILE A 59 0.04 -23.95 -17.92
N ILE A 60 -0.91 -23.36 -18.63
CA ILE A 60 -1.98 -22.58 -18.00
C ILE A 60 -2.97 -23.45 -17.25
N SER A 61 -3.22 -24.67 -17.76
CA SER A 61 -4.10 -25.61 -17.08
C SER A 61 -3.42 -26.37 -15.95
N ASP A 62 -2.15 -26.74 -16.14
CA ASP A 62 -1.44 -27.60 -15.19
C ASP A 62 -0.55 -26.87 -14.19
N ASN A 63 -0.06 -25.69 -14.58
CA ASN A 63 1.02 -25.02 -13.86
C ASN A 63 0.80 -23.51 -13.71
N LEU A 64 -0.46 -23.12 -13.50
CA LEU A 64 -0.85 -21.71 -13.49
C LEU A 64 -0.10 -20.92 -12.41
N HIS A 65 -0.14 -21.40 -11.16
CA HIS A 65 0.49 -20.69 -10.04
C HIS A 65 1.97 -20.44 -10.29
N GLU A 66 2.65 -21.46 -10.79
CA GLU A 66 4.08 -21.35 -11.05
C GLU A 66 4.35 -20.33 -12.16
N LEU A 67 3.55 -20.41 -13.22
CA LEU A 67 3.68 -19.47 -14.34
C LEU A 67 3.46 -18.05 -13.84
N ALA A 68 2.37 -17.85 -13.09
CA ALA A 68 2.04 -16.52 -12.59
C ALA A 68 3.13 -15.99 -11.67
N SER A 69 3.71 -16.87 -10.85
CA SER A 69 4.81 -16.49 -9.95
C SER A 69 6.06 -15.99 -10.64
N CYS A 70 6.55 -16.69 -11.67
N CYS A 70 6.47 -16.70 -11.69
CA CYS A 70 7.76 -16.18 -12.37
CA CYS A 70 7.65 -16.36 -12.46
C CYS A 70 7.45 -14.93 -13.16
C CYS A 70 7.47 -15.05 -13.24
N LEU A 71 6.25 -14.81 -13.73
CA LEU A 71 5.89 -13.57 -14.43
C LEU A 71 5.83 -12.41 -13.43
N ALA A 72 5.33 -12.69 -12.23
CA ALA A 72 5.23 -11.70 -11.18
C ALA A 72 6.62 -11.22 -10.74
N PHE A 73 7.58 -12.13 -10.67
CA PHE A 73 8.97 -11.76 -10.35
C PHE A 73 9.51 -10.74 -11.34
N LEU A 74 9.34 -11.04 -12.62
CA LEU A 74 9.81 -10.16 -13.69
C LEU A 74 9.16 -8.77 -13.61
N TYR A 75 7.86 -8.77 -13.35
CA TYR A 75 7.09 -7.53 -13.18
C TYR A 75 7.62 -6.67 -12.04
N HIS A 76 7.85 -7.29 -10.89
CA HIS A 76 8.31 -6.57 -9.71
C HIS A 76 9.75 -6.06 -9.81
N VAL A 77 10.59 -6.68 -10.64
CA VAL A 77 11.94 -6.17 -10.88
C VAL A 77 12.04 -5.27 -12.12
N GLY A 78 10.89 -4.88 -12.68
CA GLY A 78 10.85 -3.88 -13.75
C GLY A 78 11.24 -4.40 -15.12
N LEU A 79 11.17 -5.71 -15.30
CA LEU A 79 11.61 -6.33 -16.56
C LEU A 79 10.45 -7.06 -17.21
N TYR A 80 9.57 -6.28 -17.83
CA TYR A 80 8.28 -6.78 -18.30
C TYR A 80 8.40 -7.65 -19.56
N PRO A 81 7.89 -8.88 -19.50
CA PRO A 81 7.80 -9.70 -20.69
C PRO A 81 6.52 -9.45 -21.49
N ILE A 82 6.64 -9.62 -22.81
CA ILE A 82 5.48 -9.74 -23.68
C ILE A 82 5.14 -11.22 -23.70
N VAL A 83 3.93 -11.56 -23.26
CA VAL A 83 3.55 -12.95 -23.06
C VAL A 83 2.52 -13.38 -24.10
N LEU A 84 2.81 -14.47 -24.78
CA LEU A 84 1.91 -15.02 -25.78
C LEU A 84 1.68 -16.48 -25.45
N HIS A 85 0.42 -16.89 -25.37
CA HIS A 85 0.13 -18.26 -24.95
C HIS A 85 -0.73 -19.00 -25.97
N GLY A 86 -0.72 -20.33 -25.85
CA GLY A 86 -1.56 -21.21 -26.64
C GLY A 86 -2.78 -21.68 -25.87
N THR A 87 -3.43 -22.71 -26.42
CA THR A 87 -4.66 -23.25 -25.87
C THR A 87 -5.04 -24.61 -26.47
N GLY A 88 -4.07 -25.34 -27.02
CA GLY A 88 -4.35 -26.58 -27.77
C GLY A 88 -5.04 -27.68 -26.98
N PRO A 89 -4.48 -28.07 -25.83
CA PRO A 89 -5.07 -29.17 -25.02
C PRO A 89 -6.52 -28.94 -24.59
N GLN A 90 -6.84 -27.72 -24.14
CA GLN A 90 -8.20 -27.41 -23.68
C GLN A 90 -9.21 -27.38 -24.82
N VAL A 91 -8.77 -27.01 -26.03
CA VAL A 91 -9.60 -27.08 -27.22
C VAL A 91 -9.98 -28.54 -27.53
N ASN A 92 -9.00 -29.44 -27.50
CA ASN A 92 -9.26 -30.87 -27.69
C ASN A 92 -10.18 -31.46 -26.63
N GLY A 93 -10.07 -30.96 -25.40
CA GLY A 93 -11.00 -31.36 -24.34
C GLY A 93 -12.44 -30.96 -24.64
N ARG A 94 -12.64 -29.75 -25.15
CA ARG A 94 -13.99 -29.29 -25.49
C ARG A 94 -14.57 -30.04 -26.70
N LEU A 95 -13.75 -30.21 -27.74
CA LEU A 95 -14.18 -30.93 -28.94
C LEU A 95 -14.59 -32.37 -28.59
N GLU A 96 -13.78 -33.02 -27.75
CA GLU A 96 -14.07 -34.38 -27.30
C GLU A 96 -15.35 -34.47 -26.49
N ALA A 97 -15.60 -33.49 -25.63
CA ALA A 97 -16.85 -33.44 -24.86
C ALA A 97 -18.07 -33.40 -25.79
N GLN A 98 -17.90 -32.78 -26.96
CA GLN A 98 -18.93 -32.69 -27.99
C GLN A 98 -18.87 -33.85 -29.00
N GLY A 99 -18.04 -34.85 -28.73
CA GLY A 99 -17.92 -36.02 -29.61
C GLY A 99 -17.25 -35.77 -30.95
N ILE A 100 -16.40 -34.75 -31.01
CA ILE A 100 -15.67 -34.38 -32.22
C ILE A 100 -14.16 -34.61 -32.04
N GLU A 101 -13.53 -35.23 -33.02
CA GLU A 101 -12.08 -35.46 -33.02
C GLU A 101 -11.36 -34.32 -33.73
N PRO A 102 -10.25 -33.83 -33.16
CA PRO A 102 -9.46 -32.80 -33.83
C PRO A 102 -8.71 -33.35 -35.04
N ASP A 103 -8.25 -32.46 -35.90
CA ASP A 103 -7.57 -32.82 -37.13
C ASP A 103 -6.43 -31.84 -37.37
N TYR A 104 -5.22 -32.37 -37.59
CA TYR A 104 -4.05 -31.55 -37.87
C TYR A 104 -3.40 -31.98 -39.18
N ILE A 105 -2.69 -31.05 -39.80
CA ILE A 105 -1.69 -31.40 -40.84
C ILE A 105 -0.45 -30.55 -40.63
N ASP A 106 0.72 -31.17 -40.73
CA ASP A 106 2.01 -30.48 -40.52
C ASP A 106 2.06 -29.74 -39.18
N GLY A 107 1.40 -30.31 -38.16
CA GLY A 107 1.34 -29.71 -36.83
C GLY A 107 0.36 -28.55 -36.70
N ILE A 108 -0.41 -28.30 -37.76
CA ILE A 108 -1.31 -27.14 -37.83
C ILE A 108 -2.76 -27.60 -37.72
N ARG A 109 -3.52 -27.02 -36.80
CA ARG A 109 -4.94 -27.40 -36.65
C ARG A 109 -5.76 -26.99 -37.86
N ILE A 110 -6.41 -27.97 -38.49
CA ILE A 110 -7.41 -27.69 -39.51
C ILE A 110 -8.60 -27.10 -38.77
N THR A 111 -9.02 -25.91 -39.15
CA THR A 111 -9.95 -25.12 -38.35
C THR A 111 -11.17 -24.68 -39.16
N ASP A 112 -12.22 -25.50 -39.14
CA ASP A 112 -13.48 -25.12 -39.77
C ASP A 112 -14.24 -24.16 -38.83
N GLU A 113 -15.44 -23.73 -39.23
N GLU A 113 -15.43 -23.73 -39.24
CA GLU A 113 -16.20 -22.73 -38.50
CA GLU A 113 -16.21 -22.72 -38.50
C GLU A 113 -16.55 -23.14 -37.06
C GLU A 113 -16.54 -23.13 -37.06
N HIS A 114 -16.99 -24.37 -36.88
CA HIS A 114 -17.33 -24.86 -35.53
C HIS A 114 -16.09 -24.97 -34.63
N THR A 115 -14.99 -25.43 -35.20
CA THR A 115 -13.74 -25.55 -34.45
C THR A 115 -13.22 -24.16 -34.05
N MET A 116 -13.35 -23.20 -34.95
CA MET A 116 -12.95 -21.82 -34.67
C MET A 116 -13.74 -21.24 -33.48
N ALA A 117 -15.04 -21.56 -33.40
CA ALA A 117 -15.85 -21.11 -32.26
C ALA A 117 -15.29 -21.65 -30.95
N VAL A 118 -14.89 -22.92 -30.96
CA VAL A 118 -14.33 -23.55 -29.77
C VAL A 118 -12.95 -22.95 -29.48
N VAL A 119 -12.12 -22.82 -30.50
CA VAL A 119 -10.80 -22.21 -30.35
C VAL A 119 -10.88 -20.79 -29.77
N ARG A 120 -11.77 -19.96 -30.33
CA ARG A 120 -11.93 -18.58 -29.83
C ARG A 120 -12.37 -18.57 -28.36
N LYS A 121 -13.41 -19.34 -28.03
CA LYS A 121 -13.91 -19.36 -26.66
C LYS A 121 -12.84 -19.85 -25.68
N CYS A 122 -12.10 -20.88 -26.04
CA CYS A 122 -11.05 -21.44 -25.18
C CYS A 122 -9.88 -20.47 -24.97
N PHE A 123 -9.45 -19.83 -26.06
CA PHE A 123 -8.40 -18.80 -25.99
C PHE A 123 -8.79 -17.68 -25.03
N LEU A 124 -10.02 -17.18 -25.17
CA LEU A 124 -10.49 -16.09 -24.29
C LEU A 124 -10.48 -16.51 -22.83
N GLU A 125 -11.01 -17.71 -22.54
CA GLU A 125 -11.05 -18.25 -21.17
C GLU A 125 -9.65 -18.36 -20.57
N GLN A 126 -8.77 -19.02 -21.30
CA GLN A 126 -7.42 -19.30 -20.81
C GLN A 126 -6.60 -18.00 -20.69
N ASN A 127 -6.80 -17.07 -21.62
CA ASN A 127 -6.19 -15.74 -21.53
C ASN A 127 -6.61 -15.00 -20.25
N LEU A 128 -7.91 -15.03 -19.95
CA LEU A 128 -8.46 -14.38 -18.76
C LEU A 128 -7.96 -15.09 -17.50
N LYS A 129 -7.88 -16.41 -17.55
CA LYS A 129 -7.38 -17.20 -16.42
C LYS A 129 -5.98 -16.72 -15.99
N LEU A 130 -5.10 -16.55 -16.97
CA LEU A 130 -3.74 -16.10 -16.71
C LEU A 130 -3.71 -14.67 -16.21
N VAL A 131 -4.45 -13.77 -16.87
CA VAL A 131 -4.54 -12.38 -16.45
C VAL A 131 -5.04 -12.25 -15.02
N THR A 132 -6.07 -13.02 -14.67
CA THR A 132 -6.64 -12.99 -13.33
C THR A 132 -5.68 -13.55 -12.30
N ALA A 133 -5.03 -14.66 -12.60
CA ALA A 133 -4.01 -15.21 -11.68
C ALA A 133 -2.93 -14.16 -11.40
N LEU A 134 -2.54 -13.41 -12.42
CA LEU A 134 -1.54 -12.36 -12.25
C LEU A 134 -2.08 -11.24 -11.36
N GLU A 135 -3.30 -10.78 -11.64
CA GLU A 135 -3.93 -9.73 -10.82
C GLU A 135 -4.11 -10.14 -9.36
N GLN A 136 -4.41 -11.42 -9.12
CA GLN A 136 -4.53 -11.92 -7.73
C GLN A 136 -3.20 -11.85 -6.98
N LEU A 137 -2.08 -11.80 -7.72
CA LEU A 137 -0.76 -11.64 -7.13
C LEU A 137 -0.33 -10.17 -7.02
N GLY A 138 -1.23 -9.24 -7.34
CA GLY A 138 -0.91 -7.82 -7.35
C GLY A 138 -0.17 -7.39 -8.60
N VAL A 139 -0.23 -8.19 -9.66
CA VAL A 139 0.42 -7.87 -10.92
C VAL A 139 -0.64 -7.38 -11.93
N ARG A 140 -0.50 -6.16 -12.38
CA ARG A 140 -1.36 -5.61 -13.41
C ARG A 140 -1.12 -6.31 -14.74
N ALA A 141 -2.21 -6.77 -15.35
CA ALA A 141 -2.13 -7.45 -16.65
C ALA A 141 -3.30 -7.01 -17.54
N ARG A 142 -3.03 -6.93 -18.85
CA ARG A 142 -4.06 -6.64 -19.85
C ARG A 142 -4.26 -7.82 -20.78
N PRO A 143 -5.50 -8.30 -20.88
CA PRO A 143 -5.81 -9.28 -21.92
C PRO A 143 -5.83 -8.58 -23.28
N ILE A 144 -4.92 -8.97 -24.16
CA ILE A 144 -4.88 -8.43 -25.51
C ILE A 144 -5.30 -9.56 -26.44
N THR A 145 -6.56 -9.53 -26.86
CA THR A 145 -7.16 -10.66 -27.56
C THR A 145 -7.50 -10.37 -29.01
N SER A 146 -7.13 -9.18 -29.48
CA SER A 146 -7.39 -8.77 -30.85
C SER A 146 -6.57 -7.52 -31.15
N GLY A 147 -6.35 -7.26 -32.43
CA GLY A 147 -5.72 -6.03 -32.87
C GLY A 147 -4.20 -6.03 -32.90
N VAL A 148 -3.58 -7.21 -32.81
CA VAL A 148 -2.14 -7.31 -32.93
C VAL A 148 -1.72 -7.93 -34.25
N PHE A 149 -2.31 -9.08 -34.58
CA PHE A 149 -1.93 -9.84 -35.77
C PHE A 149 -2.95 -9.68 -36.89
N THR A 150 -2.48 -9.16 -38.02
CA THR A 150 -3.25 -9.14 -39.24
C THR A 150 -2.72 -10.25 -40.14
N ALA A 151 -3.63 -11.03 -40.71
CA ALA A 151 -3.25 -12.20 -41.50
C ALA A 151 -4.13 -12.37 -42.72
N ASP A 152 -3.62 -13.12 -43.70
CA ASP A 152 -4.48 -13.66 -44.75
C ASP A 152 -4.49 -15.17 -44.56
N TYR A 153 -5.25 -15.87 -45.39
CA TYR A 153 -5.35 -17.32 -45.28
C TYR A 153 -4.02 -17.97 -45.62
N LEU A 154 -3.60 -18.92 -44.79
CA LEU A 154 -2.43 -19.72 -45.09
C LEU A 154 -2.73 -20.59 -46.31
N ASP A 155 -3.86 -21.27 -46.27
CA ASP A 155 -4.33 -22.14 -47.38
C ASP A 155 -5.73 -22.61 -47.04
N LYS A 156 -6.74 -21.88 -47.52
CA LYS A 156 -8.12 -22.11 -47.11
C LYS A 156 -8.58 -23.53 -47.41
N ASP A 157 -8.24 -24.06 -48.59
CA ASP A 157 -8.65 -25.41 -48.98
C ASP A 157 -8.09 -26.47 -48.04
N LYS A 158 -6.83 -26.27 -47.60
CA LYS A 158 -6.11 -27.22 -46.76
C LYS A 158 -6.41 -27.07 -45.27
N TYR A 159 -6.22 -25.86 -44.75
CA TYR A 159 -6.32 -25.61 -43.30
C TYR A 159 -7.61 -24.93 -42.86
N LYS A 160 -8.37 -24.39 -43.82
CA LYS A 160 -9.57 -23.61 -43.56
C LYS A 160 -9.17 -22.35 -42.77
N LEU A 161 -9.84 -22.06 -41.65
CA LEU A 161 -9.62 -20.78 -40.95
C LEU A 161 -8.31 -20.70 -40.17
N VAL A 162 -7.21 -20.78 -40.91
CA VAL A 162 -5.87 -20.67 -40.33
C VAL A 162 -5.15 -19.53 -41.03
N GLY A 163 -4.45 -18.72 -40.23
CA GLY A 163 -3.87 -17.48 -40.72
C GLY A 163 -2.40 -17.57 -41.04
N ASN A 164 -1.96 -16.75 -41.97
CA ASN A 164 -0.55 -16.49 -42.23
C ASN A 164 -0.34 -15.01 -41.89
N ILE A 165 0.41 -14.75 -40.81
CA ILE A 165 0.55 -13.39 -40.28
C ILE A 165 1.36 -12.52 -41.25
N LYS A 166 0.82 -11.35 -41.56
CA LYS A 166 1.45 -10.41 -42.49
C LYS A 166 2.07 -9.21 -41.78
N SER A 167 1.45 -8.76 -40.69
CA SER A 167 1.97 -7.64 -39.91
C SER A 167 1.59 -7.73 -38.43
N VAL A 168 2.41 -7.13 -37.59
CA VAL A 168 2.16 -7.03 -36.17
C VAL A 168 1.96 -5.56 -35.80
N THR A 169 0.82 -5.26 -35.17
CA THR A 169 0.55 -3.92 -34.66
C THR A 169 1.05 -3.86 -33.22
N LYS A 170 2.05 -3.02 -32.98
CA LYS A 170 2.73 -2.99 -31.69
C LYS A 170 2.04 -2.13 -30.60
N GLU A 171 1.25 -1.13 -31.01
N GLU A 171 1.25 -1.15 -31.04
CA GLU A 171 0.75 -0.13 -30.06
CA GLU A 171 0.66 -0.14 -30.15
C GLU A 171 0.02 -0.66 -28.80
C GLU A 171 0.06 -0.69 -28.85
N PRO A 172 -0.84 -1.69 -28.94
CA PRO A 172 -1.50 -2.18 -27.70
C PRO A 172 -0.52 -2.84 -26.72
N ILE A 173 0.51 -3.49 -27.24
CA ILE A 173 1.53 -4.11 -26.40
C ILE A 173 2.33 -3.02 -25.69
N GLU A 174 2.75 -2.01 -26.44
CA GLU A 174 3.57 -0.92 -25.90
C GLU A 174 2.76 -0.06 -24.93
N ALA A 175 1.50 0.17 -25.24
CA ALA A 175 0.63 0.96 -24.35
C ALA A 175 0.47 0.23 -23.02
N SER A 176 0.28 -1.08 -23.09
CA SER A 176 0.14 -1.88 -21.87
C SER A 176 1.38 -1.75 -20.97
N ILE A 177 2.55 -1.95 -21.56
CA ILE A 177 3.81 -1.88 -20.85
C ILE A 177 4.00 -0.47 -20.27
N LYS A 178 3.72 0.55 -21.07
CA LYS A 178 3.85 1.96 -20.64
C LYS A 178 2.91 2.27 -19.46
N ALA A 179 1.73 1.67 -19.46
CA ALA A 179 0.76 1.85 -18.37
C ALA A 179 1.14 1.06 -17.12
N GLY A 180 2.13 0.18 -17.22
CA GLY A 180 2.57 -0.64 -16.11
C GLY A 180 1.80 -1.95 -16.00
N ALA A 181 1.37 -2.51 -17.13
CA ALA A 181 0.65 -3.77 -17.14
C ALA A 181 1.31 -4.78 -18.10
N LEU A 182 1.35 -6.04 -17.70
CA LEU A 182 1.90 -7.09 -18.54
C LEU A 182 0.92 -7.37 -19.66
N PRO A 183 1.37 -7.30 -20.92
CA PRO A 183 0.48 -7.64 -22.03
C PRO A 183 0.40 -9.15 -22.21
N ILE A 184 -0.81 -9.70 -22.13
CA ILE A 184 -1.03 -11.14 -22.25
C ILE A 184 -1.81 -11.40 -23.53
N LEU A 185 -1.15 -12.04 -24.50
CA LEU A 185 -1.70 -12.19 -25.85
C LEU A 185 -2.07 -13.63 -26.20
N THR A 186 -3.13 -13.76 -26.98
CA THR A 186 -3.46 -15.01 -27.65
C THR A 186 -2.78 -15.00 -29.02
N SER A 187 -2.72 -16.15 -29.67
CA SER A 187 -2.12 -16.25 -30.99
C SER A 187 -3.13 -16.06 -32.13
N LEU A 188 -4.37 -15.67 -31.82
CA LEU A 188 -5.37 -15.41 -32.85
C LEU A 188 -4.99 -14.21 -33.71
N ALA A 189 -5.25 -14.33 -35.00
CA ALA A 189 -5.04 -13.23 -35.93
C ALA A 189 -6.39 -12.90 -36.54
N GLU A 190 -6.41 -11.82 -37.32
CA GLU A 190 -7.61 -11.37 -38.00
C GLU A 190 -7.24 -10.87 -39.39
N THR A 191 -8.10 -11.14 -40.36
CA THR A 191 -7.99 -10.46 -41.65
C THR A 191 -8.37 -9.01 -41.43
N ALA A 192 -8.04 -8.16 -42.38
CA ALA A 192 -8.36 -6.74 -42.29
C ALA A 192 -9.85 -6.52 -41.98
N SER A 193 -10.71 -7.19 -42.74
CA SER A 193 -12.17 -7.03 -42.59
C SER A 193 -12.76 -7.75 -41.38
N GLY A 194 -11.92 -8.47 -40.62
CA GLY A 194 -12.32 -8.96 -39.31
C GLY A 194 -12.66 -10.43 -39.14
N GLN A 195 -12.29 -11.29 -40.09
CA GLN A 195 -12.46 -12.73 -39.87
C GLN A 195 -11.31 -13.24 -39.02
N MET A 196 -11.62 -13.75 -37.83
CA MET A 196 -10.58 -14.33 -36.96
C MET A 196 -10.04 -15.60 -37.63
N LEU A 197 -8.72 -15.76 -37.54
CA LEU A 197 -8.01 -16.89 -38.10
C LEU A 197 -7.07 -17.46 -37.04
N ASN A 198 -7.09 -18.78 -36.91
CA ASN A 198 -6.30 -19.49 -35.93
C ASN A 198 -4.85 -19.51 -36.41
N VAL A 199 -3.92 -19.28 -35.50
CA VAL A 199 -2.49 -19.37 -35.80
C VAL A 199 -1.85 -20.18 -34.67
N ASN A 200 -0.83 -20.96 -35.01
CA ASN A 200 -0.12 -21.72 -34.00
C ASN A 200 0.70 -20.75 -33.12
N ALA A 201 0.66 -20.99 -31.81
CA ALA A 201 1.27 -20.08 -30.85
C ALA A 201 2.79 -19.93 -31.04
N ASP A 202 3.46 -21.02 -31.42
CA ASP A 202 4.90 -20.96 -31.70
C ASP A 202 5.21 -19.99 -32.83
N VAL A 203 4.37 -20.01 -33.87
CA VAL A 203 4.53 -19.10 -35.00
C VAL A 203 4.23 -17.65 -34.61
N ALA A 204 3.10 -17.42 -33.93
CA ALA A 204 2.73 -16.06 -33.53
C ALA A 204 3.79 -15.41 -32.62
N ALA A 205 4.32 -16.18 -31.67
CA ALA A 205 5.40 -15.70 -30.80
C ALA A 205 6.64 -15.28 -31.60
N GLY A 206 7.03 -16.10 -32.58
CA GLY A 206 8.15 -15.76 -33.45
C GLY A 206 7.97 -14.45 -34.22
N GLU A 207 6.75 -14.18 -34.68
CA GLU A 207 6.44 -12.89 -35.31
C GLU A 207 6.60 -11.72 -34.34
N LEU A 208 6.19 -11.91 -33.08
CA LEU A 208 6.43 -10.87 -32.06
C LEU A 208 7.93 -10.62 -31.88
N ALA A 209 8.70 -11.70 -31.75
CA ALA A 209 10.13 -11.59 -31.54
C ALA A 209 10.80 -10.87 -32.71
N ARG A 210 10.39 -11.22 -33.93
CA ARG A 210 10.91 -10.60 -35.15
C ARG A 210 10.81 -9.07 -35.11
N VAL A 211 9.67 -8.58 -34.63
CA VAL A 211 9.31 -7.18 -34.72
C VAL A 211 9.77 -6.40 -33.47
N PHE A 212 9.94 -7.09 -32.34
CA PHE A 212 10.40 -6.42 -31.12
C PHE A 212 11.90 -6.57 -30.87
N GLU A 213 12.53 -7.59 -31.48
CA GLU A 213 13.95 -7.90 -31.24
C GLU A 213 14.31 -7.81 -29.74
N PRO A 214 13.69 -8.67 -28.92
CA PRO A 214 13.90 -8.59 -27.48
C PRO A 214 15.27 -9.12 -27.06
N LEU A 215 15.68 -8.84 -25.84
CA LEU A 215 16.93 -9.39 -25.30
C LEU A 215 16.80 -10.90 -25.18
N LYS A 216 15.64 -11.35 -24.70
CA LYS A 216 15.39 -12.75 -24.37
C LYS A 216 14.19 -13.30 -25.16
N ILE A 217 14.37 -14.46 -25.79
CA ILE A 217 13.27 -15.15 -26.46
C ILE A 217 13.10 -16.54 -25.85
N VAL A 218 11.94 -16.81 -25.26
CA VAL A 218 11.75 -18.01 -24.47
C VAL A 218 10.47 -18.74 -24.87
N TYR A 219 10.61 -20.05 -25.09
CA TYR A 219 9.49 -20.94 -25.35
C TYR A 219 9.35 -21.87 -24.16
N LEU A 220 8.25 -21.76 -23.43
CA LEU A 220 8.01 -22.61 -22.27
C LEU A 220 7.19 -23.84 -22.66
N ASN A 221 7.75 -25.03 -22.40
CA ASN A 221 7.01 -26.28 -22.55
C ASN A 221 7.25 -27.18 -21.34
N GLU A 222 6.48 -28.26 -21.25
CA GLU A 222 6.51 -29.11 -20.07
C GLU A 222 7.76 -29.99 -20.00
N LYS A 223 8.23 -30.45 -21.15
CA LYS A 223 9.41 -31.33 -21.21
C LYS A 223 10.72 -30.59 -20.89
N GLY A 224 10.69 -29.25 -20.99
CA GLY A 224 11.84 -28.43 -20.64
C GLY A 224 12.92 -28.46 -21.70
N GLY A 225 12.51 -28.35 -22.96
CA GLY A 225 13.43 -28.36 -24.11
C GLY A 225 12.98 -29.32 -25.19
N ILE A 226 13.91 -29.74 -26.04
CA ILE A 226 13.64 -30.75 -27.06
C ILE A 226 14.43 -32.00 -26.73
N ILE A 227 13.74 -33.14 -26.71
CA ILE A 227 14.33 -34.42 -26.32
C ILE A 227 14.61 -35.27 -27.55
N ASN A 228 15.86 -35.65 -27.73
CA ASN A 228 16.24 -36.59 -28.80
C ASN A 228 15.51 -37.92 -28.58
N GLY A 229 14.58 -38.23 -29.48
CA GLY A 229 13.70 -39.39 -29.33
C GLY A 229 14.38 -40.75 -29.44
N SER A 230 15.49 -40.81 -30.17
CA SER A 230 16.24 -42.07 -30.30
C SER A 230 17.06 -42.37 -29.03
N THR A 231 17.71 -41.36 -28.46
CA THR A 231 18.53 -41.54 -27.26
C THR A 231 17.75 -41.24 -25.97
N GLY A 232 16.73 -40.38 -26.07
CA GLY A 232 16.00 -39.92 -24.89
C GLY A 232 16.68 -38.77 -24.18
N GLU A 233 17.80 -38.30 -24.73
CA GLU A 233 18.59 -37.23 -24.12
C GLU A 233 18.07 -35.86 -24.55
N LYS A 234 18.07 -34.92 -23.61
CA LYS A 234 17.76 -33.53 -23.90
C LYS A 234 18.90 -32.93 -24.73
N ILE A 235 18.53 -32.21 -25.79
CA ILE A 235 19.50 -31.52 -26.65
C ILE A 235 19.78 -30.16 -26.04
N SER A 236 21.00 -29.94 -25.56
CA SER A 236 21.34 -28.70 -24.87
C SER A 236 21.44 -27.50 -25.82
N MET A 237 22.07 -27.72 -26.97
CA MET A 237 22.35 -26.66 -27.92
C MET A 237 22.06 -27.14 -29.33
N ILE A 238 21.52 -26.25 -30.15
CA ILE A 238 21.37 -26.51 -31.57
C ILE A 238 22.00 -25.36 -32.34
N ASN A 239 22.99 -25.69 -33.16
CA ASN A 239 23.59 -24.76 -34.11
C ASN A 239 22.87 -24.94 -35.45
N LEU A 240 21.97 -24.02 -35.77
CA LEU A 240 21.07 -24.19 -36.92
C LEU A 240 21.79 -24.33 -38.27
N ASP A 241 22.76 -23.46 -38.53
CA ASP A 241 23.46 -23.49 -39.82
C ASP A 241 24.16 -24.82 -40.07
N GLU A 242 24.64 -25.46 -39.01
CA GLU A 242 25.28 -26.77 -39.09
C GLU A 242 24.28 -27.93 -39.05
N GLU A 243 23.31 -27.86 -38.12
CA GLU A 243 22.53 -29.03 -37.74
C GLU A 243 21.09 -29.07 -38.25
N TYR A 244 20.55 -27.95 -38.70
CA TYR A 244 19.13 -27.88 -39.05
C TYR A 244 18.73 -28.93 -40.09
N ASP A 245 19.43 -28.97 -41.21
CA ASP A 245 19.01 -29.81 -42.34
C ASP A 245 18.90 -31.28 -41.97
N ASP A 246 19.92 -31.85 -41.31
CA ASP A 246 19.89 -33.27 -40.96
C ASP A 246 19.09 -33.57 -39.68
N LEU A 247 18.96 -32.59 -38.78
CA LEU A 247 18.05 -32.74 -37.64
C LEU A 247 16.61 -32.97 -38.12
N MET A 248 16.21 -32.22 -39.15
CA MET A 248 14.86 -32.32 -39.69
C MET A 248 14.59 -33.61 -40.47
N LYS A 249 15.66 -34.30 -40.90
CA LYS A 249 15.51 -35.59 -41.58
C LYS A 249 15.36 -36.76 -40.61
N GLN A 250 15.53 -36.52 -39.31
CA GLN A 250 15.43 -37.59 -38.32
C GLN A 250 13.97 -37.96 -38.11
N SER A 251 13.68 -39.26 -38.12
CA SER A 251 12.30 -39.75 -38.07
C SER A 251 11.62 -39.57 -36.71
N TRP A 252 12.40 -39.37 -35.64
CA TRP A 252 11.83 -39.14 -34.31
C TRP A 252 11.26 -37.73 -34.11
N VAL A 253 11.57 -36.80 -35.01
CA VAL A 253 11.13 -35.42 -34.86
C VAL A 253 9.65 -35.31 -35.23
N LYS A 254 8.83 -35.06 -34.22
CA LYS A 254 7.38 -35.03 -34.39
C LYS A 254 6.94 -33.71 -35.06
N TYR A 255 5.75 -33.73 -35.64
CA TYR A 255 5.22 -32.60 -36.43
C TYR A 255 5.30 -31.27 -35.70
N GLY A 256 4.91 -31.28 -34.42
CA GLY A 256 4.88 -30.06 -33.61
C GLY A 256 6.26 -29.50 -33.34
N THR A 257 7.22 -30.40 -33.16
CA THR A 257 8.62 -30.03 -32.97
C THR A 257 9.19 -29.46 -34.26
N LYS A 258 8.79 -30.06 -35.38
CA LYS A 258 9.22 -29.64 -36.69
C LYS A 258 8.71 -28.22 -36.98
N LEU A 259 7.44 -27.97 -36.69
CA LEU A 259 6.86 -26.63 -36.80
C LEU A 259 7.62 -25.60 -35.92
N LYS A 260 7.83 -25.97 -34.67
CA LYS A 260 8.54 -25.12 -33.72
C LYS A 260 9.94 -24.76 -34.23
N ILE A 261 10.70 -25.78 -34.62
CA ILE A 261 12.08 -25.57 -35.05
C ILE A 261 12.15 -24.81 -36.38
N ARG A 262 11.25 -25.11 -37.31
CA ARG A 262 11.19 -24.35 -38.56
C ARG A 262 11.00 -22.86 -38.26
N GLU A 263 10.01 -22.53 -37.42
CA GLU A 263 9.74 -21.13 -37.08
C GLU A 263 10.95 -20.41 -36.48
N ILE A 264 11.63 -21.10 -35.56
CA ILE A 264 12.79 -20.53 -34.86
C ILE A 264 13.94 -20.28 -35.83
N LYS A 265 14.17 -21.22 -36.75
CA LYS A 265 15.20 -21.07 -37.78
C LYS A 265 14.92 -19.85 -38.67
N GLU A 266 13.67 -19.72 -39.12
CA GLU A 266 13.27 -18.56 -39.91
C GLU A 266 13.41 -17.28 -39.09
N LEU A 267 13.00 -17.32 -37.82
CA LEU A 267 13.17 -16.17 -36.93
C LEU A 267 14.64 -15.74 -36.81
N LEU A 268 15.52 -16.71 -36.60
CA LEU A 268 16.94 -16.43 -36.35
C LEU A 268 17.72 -16.06 -37.61
N ASP A 269 17.18 -16.38 -38.79
CA ASP A 269 17.76 -15.89 -40.04
C ASP A 269 17.48 -14.39 -40.23
N TYR A 270 16.41 -13.89 -39.61
CA TYR A 270 16.08 -12.47 -39.70
C TYR A 270 16.81 -11.66 -38.62
N LEU A 271 16.72 -12.12 -37.38
CA LEU A 271 17.37 -11.45 -36.25
C LEU A 271 18.88 -11.45 -36.39
N PRO A 272 19.58 -10.54 -35.66
CA PRO A 272 21.04 -10.56 -35.71
C PRO A 272 21.59 -11.80 -35.04
N ARG A 273 22.84 -12.15 -35.35
CA ARG A 273 23.42 -13.42 -34.90
C ARG A 273 23.55 -13.52 -33.37
N SER A 274 23.58 -12.37 -32.69
CA SER A 274 23.63 -12.35 -31.22
C SER A 274 22.35 -12.86 -30.53
N SER A 275 21.24 -12.89 -31.27
CA SER A 275 19.96 -13.36 -30.70
C SER A 275 19.96 -14.86 -30.54
N SER A 276 19.12 -15.35 -29.62
CA SER A 276 18.97 -16.78 -29.40
C SER A 276 17.60 -17.11 -28.84
N VAL A 277 17.21 -18.38 -28.93
CA VAL A 277 15.94 -18.84 -28.42
C VAL A 277 16.15 -19.99 -27.45
N ALA A 278 15.56 -19.87 -26.26
CA ALA A 278 15.62 -20.91 -25.25
C ALA A 278 14.27 -21.63 -25.18
N ILE A 279 14.30 -22.95 -25.25
CA ILE A 279 13.13 -23.79 -25.02
C ILE A 279 13.36 -24.48 -23.68
N ILE A 280 12.48 -24.23 -22.72
CA ILE A 280 12.76 -24.52 -21.33
C ILE A 280 11.48 -24.69 -20.50
N ASN A 281 11.59 -25.37 -19.35
CA ASN A 281 10.49 -25.48 -18.39
C ASN A 281 10.41 -24.20 -17.58
N VAL A 282 9.24 -23.92 -17.02
CA VAL A 282 9.04 -22.67 -16.29
C VAL A 282 9.82 -22.62 -14.97
N GLN A 283 10.01 -23.78 -14.31
CA GLN A 283 10.80 -23.84 -13.07
C GLN A 283 12.28 -23.46 -13.25
N ASP A 284 12.79 -23.51 -14.49
CA ASP A 284 14.18 -23.15 -14.79
C ASP A 284 14.32 -21.78 -15.46
N LEU A 285 13.22 -21.03 -15.56
CA LEU A 285 13.22 -19.79 -16.34
C LEU A 285 14.16 -18.74 -15.73
N GLN A 286 14.02 -18.49 -14.43
CA GLN A 286 14.81 -17.45 -13.76
C GLN A 286 16.31 -17.64 -13.94
N LYS A 287 16.81 -18.85 -13.67
CA LYS A 287 18.25 -19.10 -13.75
C LYS A 287 18.76 -19.01 -15.20
N GLU A 288 17.94 -19.43 -16.15
CA GLU A 288 18.30 -19.33 -17.56
C GLU A 288 18.31 -17.86 -18.03
N LEU A 289 17.35 -17.07 -17.57
CA LEU A 289 17.28 -15.65 -17.95
C LEU A 289 18.45 -14.88 -17.35
N PHE A 290 18.70 -15.08 -16.06
CA PHE A 290 19.58 -14.20 -15.29
C PHE A 290 20.97 -14.75 -15.01
N THR A 291 21.08 -16.03 -14.66
CA THR A 291 22.36 -16.56 -14.17
C THR A 291 23.06 -17.51 -15.16
N ASP A 292 22.70 -17.40 -16.44
CA ASP A 292 23.43 -18.07 -17.52
C ASP A 292 23.43 -19.59 -17.39
N SER A 293 22.26 -20.15 -17.11
CA SER A 293 22.11 -21.60 -16.93
C SER A 293 22.10 -22.28 -18.29
N GLY A 294 22.58 -23.53 -18.32
CA GLY A 294 22.53 -24.35 -19.52
C GLY A 294 21.28 -25.23 -19.60
N ALA A 295 20.27 -24.91 -18.80
CA ALA A 295 19.03 -25.69 -18.76
C ALA A 295 18.23 -25.47 -20.03
N GLY A 296 17.47 -26.48 -20.42
CA GLY A 296 16.69 -26.44 -21.64
C GLY A 296 17.54 -26.59 -22.88
N THR A 297 16.92 -26.27 -24.01
CA THR A 297 17.55 -26.34 -25.31
C THR A 297 17.75 -24.91 -25.80
N MET A 298 19.02 -24.50 -25.98
CA MET A 298 19.34 -23.20 -26.55
C MET A 298 19.51 -23.37 -28.06
N ILE A 299 18.88 -22.49 -28.82
CA ILE A 299 18.95 -22.55 -30.28
C ILE A 299 19.43 -21.21 -30.83
N ARG A 300 20.42 -21.26 -31.71
CA ARG A 300 21.00 -20.06 -32.31
C ARG A 300 21.33 -20.34 -33.77
N ARG A 301 21.60 -19.30 -34.54
CA ARG A 301 21.91 -19.46 -35.95
C ARG A 301 23.23 -20.19 -36.12
N GLY A 302 24.28 -19.68 -35.47
CA GLY A 302 25.60 -20.31 -35.49
C GLY A 302 26.27 -20.34 -36.86
N TYR A 303 27.33 -21.12 -36.97
CA TYR A 303 28.14 -21.17 -38.19
C TYR A 303 28.70 -22.58 -38.43
N GLY B 14 -5.30 -1.55 -1.14
CA GLY B 14 -6.19 -0.83 -0.20
C GLY B 14 -6.63 0.52 -0.75
N PHE B 15 -7.95 0.73 -0.80
CA PHE B 15 -8.51 2.01 -1.21
C PHE B 15 -8.06 3.14 -0.27
N SER B 16 -7.71 4.28 -0.86
CA SER B 16 -7.53 5.51 -0.12
C SER B 16 -7.96 6.66 -1.01
N ALA B 17 -8.40 7.76 -0.41
CA ALA B 17 -8.83 8.93 -1.16
C ALA B 17 -8.14 10.18 -0.60
N THR B 18 -7.77 11.08 -1.49
CA THR B 18 -7.12 12.33 -1.12
C THR B 18 -8.15 13.36 -0.65
N ARG B 19 -7.64 14.48 -0.12
CA ARG B 19 -8.47 15.57 0.37
C ARG B 19 -9.35 16.13 -0.75
N SER B 20 -8.76 16.33 -1.93
CA SER B 20 -9.50 16.88 -3.08
C SER B 20 -10.63 15.96 -3.51
N THR B 21 -10.35 14.66 -3.57
CA THR B 21 -11.38 13.67 -3.89
C THR B 21 -12.53 13.68 -2.88
N VAL B 22 -12.21 13.72 -1.59
CA VAL B 22 -13.26 13.74 -0.57
C VAL B 22 -14.07 15.04 -0.62
N ILE B 23 -13.40 16.15 -0.91
CA ILE B 23 -14.08 17.45 -1.00
C ILE B 23 -15.09 17.45 -2.16
N GLN B 24 -14.67 16.96 -3.31
CA GLN B 24 -15.55 16.85 -4.47
C GLN B 24 -16.69 15.85 -4.21
N LEU B 25 -16.43 14.81 -3.42
CA LEU B 25 -17.46 13.83 -3.07
C LEU B 25 -18.54 14.49 -2.22
N LEU B 26 -18.12 15.21 -1.17
CA LEU B 26 -19.03 15.97 -0.30
C LEU B 26 -19.83 17.01 -1.08
N ASN B 27 -19.19 17.66 -2.05
CA ASN B 27 -19.88 18.61 -2.91
C ASN B 27 -20.97 17.97 -3.77
N ASN B 28 -20.93 16.66 -3.97
CA ASN B 28 -21.94 15.94 -4.77
C ASN B 28 -23.10 15.33 -3.97
N ILE B 29 -22.96 15.26 -2.66
CA ILE B 29 -23.92 14.58 -1.78
C ILE B 29 -24.44 15.58 -0.76
N SER B 30 -25.76 15.67 -0.62
CA SER B 30 -26.35 16.59 0.36
C SER B 30 -27.62 16.09 1.06
N THR B 31 -28.01 14.84 0.82
CA THR B 31 -29.18 14.25 1.47
C THR B 31 -28.87 12.83 1.93
N LYS B 32 -29.75 12.31 2.77
CA LYS B 32 -29.58 10.98 3.33
C LYS B 32 -29.65 9.90 2.25
N ARG B 33 -30.60 10.03 1.33
CA ARG B 33 -30.76 9.03 0.28
C ARG B 33 -29.58 9.04 -0.72
N GLU B 34 -29.00 10.22 -0.97
CA GLU B 34 -27.81 10.32 -1.84
C GLU B 34 -26.62 9.61 -1.18
N VAL B 35 -26.41 9.87 0.12
CA VAL B 35 -25.39 9.18 0.92
C VAL B 35 -25.56 7.66 0.85
N GLU B 36 -26.79 7.20 1.06
CA GLU B 36 -27.11 5.77 1.08
C GLU B 36 -26.88 5.11 -0.28
N GLN B 37 -27.31 5.79 -1.35
CA GLN B 37 -27.06 5.30 -2.70
C GLN B 37 -25.57 5.10 -2.92
N TYR B 38 -24.78 6.13 -2.62
CA TYR B 38 -23.33 6.06 -2.81
C TYR B 38 -22.71 4.91 -2.02
N LEU B 39 -23.01 4.83 -0.72
CA LEU B 39 -22.39 3.81 0.15
C LEU B 39 -22.79 2.39 -0.26
N LYS B 40 -24.03 2.24 -0.72
CA LYS B 40 -24.51 0.96 -1.23
C LYS B 40 -23.60 0.44 -2.35
N TYR B 41 -23.26 1.30 -3.30
CA TYR B 41 -22.44 0.88 -4.44
C TYR B 41 -20.94 0.97 -4.14
N PHE B 42 -20.54 1.91 -3.28
CA PHE B 42 -19.16 2.02 -2.83
C PHE B 42 -18.62 0.71 -2.23
N THR B 43 -19.41 0.09 -1.37
CA THR B 43 -19.03 -1.21 -0.81
C THR B 43 -19.89 -2.32 -1.41
N SER B 44 -19.39 -2.90 -2.51
CA SER B 44 -20.18 -3.84 -3.31
C SER B 44 -20.58 -5.07 -2.50
N VAL B 45 -21.86 -5.16 -2.16
CA VAL B 45 -22.40 -6.28 -1.38
C VAL B 45 -23.16 -7.28 -2.27
N SER B 46 -23.21 -7.01 -3.56
CA SER B 46 -23.99 -7.79 -4.50
C SER B 46 -23.44 -7.70 -5.92
N GLN B 47 -24.06 -8.43 -6.83
CA GLN B 47 -23.70 -8.38 -8.25
C GLN B 47 -24.35 -7.17 -8.96
N GLN B 48 -25.07 -6.34 -8.21
CA GLN B 48 -25.71 -5.16 -8.80
C GLN B 48 -24.69 -4.17 -9.31
N GLN B 49 -25.03 -3.50 -10.41
CA GLN B 49 -24.13 -2.58 -11.07
C GLN B 49 -24.60 -1.14 -10.93
N PHE B 50 -23.63 -0.24 -10.80
CA PHE B 50 -23.92 1.17 -10.57
C PHE B 50 -24.37 1.87 -11.85
N ALA B 51 -23.62 1.71 -12.94
CA ALA B 51 -23.91 2.44 -14.16
C ALA B 51 -23.40 1.78 -15.43
N VAL B 52 -24.17 1.93 -16.51
CA VAL B 52 -23.68 1.76 -17.86
C VAL B 52 -23.70 3.14 -18.50
N ILE B 53 -22.54 3.57 -18.96
CA ILE B 53 -22.37 4.86 -19.55
C ILE B 53 -21.91 4.69 -20.99
N LYS B 54 -22.75 5.10 -21.95
CA LYS B 54 -22.35 5.13 -23.35
C LYS B 54 -21.73 6.47 -23.69
N VAL B 55 -20.56 6.44 -24.32
CA VAL B 55 -19.84 7.64 -24.71
C VAL B 55 -19.85 7.81 -26.23
N GLY B 56 -20.50 8.88 -26.70
CA GLY B 56 -20.42 9.22 -28.12
C GLY B 56 -18.98 9.39 -28.56
N GLY B 57 -18.66 8.82 -29.72
CA GLY B 57 -17.29 8.89 -30.24
C GLY B 57 -16.71 10.28 -30.32
N ALA B 58 -17.52 11.25 -30.69
CA ALA B 58 -17.07 12.62 -30.88
C ALA B 58 -16.43 13.19 -29.61
N ILE B 59 -16.92 12.78 -28.45
CA ILE B 59 -16.41 13.26 -27.17
C ILE B 59 -14.92 12.92 -27.00
N ILE B 60 -14.51 11.75 -27.47
CA ILE B 60 -13.12 11.32 -27.36
C ILE B 60 -12.18 12.23 -28.18
N SER B 61 -12.64 12.72 -29.34
CA SER B 61 -11.84 13.67 -30.14
C SER B 61 -11.99 15.14 -29.68
N ASP B 62 -13.17 15.50 -29.16
CA ASP B 62 -13.51 16.91 -28.91
C ASP B 62 -13.33 17.37 -27.45
N ASN B 63 -13.48 16.44 -26.50
CA ASN B 63 -13.55 16.82 -25.09
C ASN B 63 -13.00 15.73 -24.16
N LEU B 64 -11.90 15.10 -24.59
CA LEU B 64 -11.35 13.95 -23.88
C LEU B 64 -10.95 14.24 -22.44
N HIS B 65 -10.31 15.39 -22.20
CA HIS B 65 -9.82 15.69 -20.84
C HIS B 65 -10.95 15.78 -19.81
N GLU B 66 -12.05 16.42 -20.17
CA GLU B 66 -13.20 16.51 -19.27
C GLU B 66 -13.84 15.13 -19.08
N LEU B 67 -13.96 14.37 -20.17
CA LEU B 67 -14.51 13.00 -20.06
C LEU B 67 -13.66 12.16 -19.10
N ALA B 68 -12.35 12.13 -19.33
CA ALA B 68 -11.42 11.34 -18.51
C ALA B 68 -11.40 11.78 -17.03
N SER B 69 -11.48 13.09 -16.78
CA SER B 69 -11.51 13.63 -15.43
C SER B 69 -12.74 13.21 -14.64
N CYS B 70 -13.91 13.29 -15.27
N CYS B 70 -13.91 13.26 -15.27
CA CYS B 70 -15.17 12.88 -14.64
CA CYS B 70 -15.15 12.88 -14.61
C CYS B 70 -15.17 11.38 -14.31
C CYS B 70 -15.16 11.37 -14.31
N LEU B 71 -14.76 10.56 -15.27
CA LEU B 71 -14.60 9.11 -15.05
C LEU B 71 -13.54 8.82 -13.97
N ALA B 72 -12.47 9.60 -13.96
CA ALA B 72 -11.42 9.44 -12.95
C ALA B 72 -11.92 9.79 -11.55
N PHE B 73 -12.85 10.74 -11.45
CA PHE B 73 -13.43 11.06 -10.14
C PHE B 73 -14.28 9.89 -9.63
N LEU B 74 -15.04 9.28 -10.51
CA LEU B 74 -15.87 8.13 -10.13
C LEU B 74 -15.00 6.99 -9.60
N TYR B 75 -13.94 6.67 -10.34
CA TYR B 75 -12.94 5.67 -9.93
C TYR B 75 -12.34 6.02 -8.58
N HIS B 76 -12.01 7.30 -8.38
CA HIS B 76 -11.37 7.73 -7.14
C HIS B 76 -12.28 7.72 -5.92
N VAL B 77 -13.59 7.71 -6.15
CA VAL B 77 -14.54 7.49 -5.06
C VAL B 77 -15.00 6.03 -5.01
N GLY B 78 -14.26 5.16 -5.67
CA GLY B 78 -14.49 3.71 -5.59
C GLY B 78 -15.70 3.19 -6.37
N LEU B 79 -16.12 3.92 -7.40
CA LEU B 79 -17.21 3.47 -8.27
C LEU B 79 -16.65 3.02 -9.62
N TYR B 80 -17.20 1.92 -10.16
CA TYR B 80 -16.73 1.35 -11.42
C TYR B 80 -17.84 1.27 -12.46
N PRO B 81 -18.09 2.39 -13.17
CA PRO B 81 -19.07 2.31 -14.23
C PRO B 81 -18.58 1.42 -15.38
N ILE B 82 -19.50 0.74 -16.04
CA ILE B 82 -19.21 0.04 -17.29
C ILE B 82 -19.26 1.09 -18.39
N VAL B 83 -18.15 1.28 -19.10
CA VAL B 83 -18.06 2.32 -20.12
C VAL B 83 -17.94 1.71 -21.52
N LEU B 84 -18.82 2.15 -22.42
CA LEU B 84 -18.81 1.73 -23.80
C LEU B 84 -18.82 2.97 -24.66
N HIS B 85 -17.93 3.03 -25.65
CA HIS B 85 -17.81 4.21 -26.51
C HIS B 85 -18.00 3.84 -27.99
N GLY B 86 -18.41 4.84 -28.76
CA GLY B 86 -18.52 4.74 -30.21
C GLY B 86 -17.29 5.30 -30.91
N THR B 87 -17.39 5.44 -32.22
CA THR B 87 -16.30 5.99 -33.02
C THR B 87 -16.73 6.50 -34.41
N GLY B 88 -18.03 6.75 -34.57
CA GLY B 88 -18.62 7.04 -35.87
C GLY B 88 -18.05 8.27 -36.54
N PRO B 89 -17.95 9.38 -35.78
CA PRO B 89 -17.43 10.61 -36.40
C PRO B 89 -16.01 10.48 -36.94
N GLN B 90 -15.15 9.75 -36.24
CA GLN B 90 -13.77 9.64 -36.68
C GLN B 90 -13.63 8.64 -37.83
N VAL B 91 -14.51 7.64 -37.88
CA VAL B 91 -14.61 6.79 -39.06
C VAL B 91 -15.01 7.64 -40.27
N ASN B 92 -16.03 8.48 -40.11
CA ASN B 92 -16.47 9.39 -41.18
C ASN B 92 -15.33 10.30 -41.62
N GLY B 93 -14.61 10.86 -40.66
CA GLY B 93 -13.42 11.65 -40.95
C GLY B 93 -12.39 10.89 -41.78
N ARG B 94 -12.04 9.67 -41.36
CA ARG B 94 -11.02 8.87 -42.05
C ARG B 94 -11.42 8.58 -43.48
N LEU B 95 -12.69 8.22 -43.67
CA LEU B 95 -13.20 7.86 -45.01
C LEU B 95 -13.14 9.07 -45.94
N GLU B 96 -13.68 10.18 -45.46
CA GLU B 96 -13.65 11.42 -46.22
C GLU B 96 -12.21 11.83 -46.54
N ALA B 97 -11.29 11.64 -45.58
CA ALA B 97 -9.87 11.92 -45.79
C ALA B 97 -9.25 11.10 -46.93
N GLN B 98 -9.73 9.88 -47.12
CA GLN B 98 -9.26 9.03 -48.21
C GLN B 98 -10.18 9.08 -49.46
N GLY B 99 -11.12 10.02 -49.48
CA GLY B 99 -11.96 10.26 -50.66
C GLY B 99 -13.08 9.26 -50.85
N ILE B 100 -13.55 8.69 -49.74
CA ILE B 100 -14.67 7.76 -49.73
C ILE B 100 -15.79 8.40 -48.90
N GLU B 101 -17.00 8.38 -49.45
CA GLU B 101 -18.13 8.96 -48.76
C GLU B 101 -18.74 7.95 -47.78
N PRO B 102 -18.99 8.38 -46.54
CA PRO B 102 -19.74 7.56 -45.58
C PRO B 102 -21.05 7.06 -46.19
N ASP B 103 -21.47 5.86 -45.82
CA ASP B 103 -22.59 5.17 -46.46
C ASP B 103 -23.50 4.58 -45.40
N TYR B 104 -24.68 5.19 -45.23
CA TYR B 104 -25.65 4.82 -44.21
C TYR B 104 -27.00 4.49 -44.83
N ILE B 105 -27.78 3.65 -44.15
CA ILE B 105 -29.21 3.47 -44.42
C ILE B 105 -29.91 3.24 -43.08
N ASP B 106 -31.04 3.93 -42.89
CA ASP B 106 -31.82 3.81 -41.64
C ASP B 106 -30.96 4.11 -40.40
N GLY B 107 -30.01 5.03 -40.53
CA GLY B 107 -29.08 5.37 -39.45
C GLY B 107 -27.98 4.34 -39.19
N ILE B 108 -27.90 3.32 -40.02
CA ILE B 108 -26.95 2.23 -39.83
C ILE B 108 -25.89 2.32 -40.90
N ARG B 109 -24.62 2.23 -40.50
CA ARG B 109 -23.52 2.28 -41.46
C ARG B 109 -23.45 1.00 -42.28
N ILE B 110 -23.57 1.15 -43.59
CA ILE B 110 -23.29 0.06 -44.51
C ILE B 110 -21.80 -0.20 -44.42
N THR B 111 -21.42 -1.42 -44.09
CA THR B 111 -20.03 -1.74 -43.76
C THR B 111 -19.49 -2.88 -44.61
N ASP B 112 -18.89 -2.53 -45.75
CA ASP B 112 -18.23 -3.51 -46.61
C ASP B 112 -16.86 -3.88 -46.01
N GLU B 113 -16.09 -4.68 -46.73
N GLU B 113 -16.10 -4.70 -46.72
CA GLU B 113 -14.84 -5.20 -46.22
CA GLU B 113 -14.81 -5.19 -46.23
C GLU B 113 -13.80 -4.11 -45.90
C GLU B 113 -13.86 -4.06 -45.84
N HIS B 114 -13.71 -3.06 -46.71
CA HIS B 114 -12.77 -1.98 -46.44
C HIS B 114 -13.26 -1.10 -45.30
N THR B 115 -14.55 -0.77 -45.32
CA THR B 115 -15.13 0.04 -44.26
C THR B 115 -14.94 -0.63 -42.90
N MET B 116 -15.08 -1.96 -42.84
CA MET B 116 -14.90 -2.67 -41.57
C MET B 116 -13.47 -2.54 -41.06
N ALA B 117 -12.50 -2.55 -41.96
CA ALA B 117 -11.10 -2.38 -41.55
C ALA B 117 -10.89 -1.00 -40.95
N VAL B 118 -11.52 0.02 -41.53
CA VAL B 118 -11.45 1.37 -40.98
C VAL B 118 -12.16 1.45 -39.63
N VAL B 119 -13.36 0.89 -39.53
CA VAL B 119 -14.10 0.86 -38.27
C VAL B 119 -13.31 0.17 -37.15
N ARG B 120 -12.75 -1.00 -37.43
CA ARG B 120 -11.95 -1.72 -36.44
C ARG B 120 -10.79 -0.87 -35.93
N LYS B 121 -10.00 -0.34 -36.86
CA LYS B 121 -8.83 0.45 -36.50
C LYS B 121 -9.19 1.71 -35.73
N CYS B 122 -10.24 2.39 -36.17
CA CYS B 122 -10.79 3.53 -35.43
C CYS B 122 -11.27 3.14 -34.04
N PHE B 123 -12.06 2.07 -33.95
CA PHE B 123 -12.50 1.60 -32.63
C PHE B 123 -11.33 1.39 -31.68
N LEU B 124 -10.29 0.72 -32.16
CA LEU B 124 -9.14 0.40 -31.30
C LEU B 124 -8.38 1.65 -30.89
N GLU B 125 -8.16 2.55 -31.84
CA GLU B 125 -7.48 3.82 -31.57
C GLU B 125 -8.23 4.67 -30.54
N GLN B 126 -9.53 4.86 -30.74
CA GLN B 126 -10.35 5.61 -29.79
C GLN B 126 -10.36 4.95 -28.42
N ASN B 127 -10.48 3.64 -28.42
CA ASN B 127 -10.46 2.88 -27.20
C ASN B 127 -9.16 3.14 -26.44
N LEU B 128 -8.02 2.99 -27.12
CA LEU B 128 -6.72 3.19 -26.46
C LEU B 128 -6.56 4.65 -26.02
N LYS B 129 -7.06 5.59 -26.82
CA LYS B 129 -7.00 7.01 -26.45
C LYS B 129 -7.68 7.28 -25.12
N LEU B 130 -8.88 6.73 -24.94
CA LEU B 130 -9.64 6.90 -23.70
C LEU B 130 -8.95 6.18 -22.52
N VAL B 131 -8.57 4.92 -22.72
CA VAL B 131 -7.86 4.16 -21.71
C VAL B 131 -6.58 4.87 -21.25
N THR B 132 -5.82 5.41 -22.21
CA THR B 132 -4.55 6.05 -21.88
C THR B 132 -4.75 7.38 -21.12
N ALA B 133 -5.72 8.18 -21.54
CA ALA B 133 -6.05 9.40 -20.82
C ALA B 133 -6.42 9.07 -19.36
N LEU B 134 -7.16 7.99 -19.16
CA LEU B 134 -7.52 7.57 -17.81
C LEU B 134 -6.29 7.13 -16.99
N GLU B 135 -5.43 6.33 -17.60
CA GLU B 135 -4.21 5.86 -16.94
C GLU B 135 -3.32 7.03 -16.53
N GLN B 136 -3.23 8.04 -17.39
CA GLN B 136 -2.46 9.24 -17.10
C GLN B 136 -3.00 9.98 -15.87
N LEU B 137 -4.29 9.79 -15.57
CA LEU B 137 -4.91 10.39 -14.38
C LEU B 137 -4.90 9.45 -13.17
N GLY B 138 -4.12 8.37 -13.25
CA GLY B 138 -4.02 7.39 -12.18
C GLY B 138 -5.17 6.39 -12.12
N VAL B 139 -5.91 6.24 -13.23
CA VAL B 139 -7.03 5.32 -13.26
C VAL B 139 -6.64 4.03 -13.98
N ARG B 140 -6.82 2.90 -13.31
CA ARG B 140 -6.64 1.62 -13.97
C ARG B 140 -7.83 1.41 -14.89
N ALA B 141 -7.54 1.25 -16.17
CA ALA B 141 -8.57 1.01 -17.17
C ALA B 141 -8.14 -0.16 -18.04
N ARG B 142 -9.09 -1.03 -18.33
CA ARG B 142 -8.84 -2.20 -19.15
C ARG B 142 -9.57 -2.07 -20.49
N PRO B 143 -8.81 -2.05 -21.61
CA PRO B 143 -9.45 -2.17 -22.90
C PRO B 143 -10.17 -3.50 -23.01
N ILE B 144 -11.43 -3.48 -23.42
CA ILE B 144 -12.17 -4.69 -23.74
C ILE B 144 -12.74 -4.47 -25.15
N THR B 145 -11.96 -4.87 -26.16
CA THR B 145 -12.26 -4.54 -27.55
C THR B 145 -13.03 -5.62 -28.31
N SER B 146 -13.05 -6.84 -27.78
CA SER B 146 -13.84 -7.93 -28.32
C SER B 146 -14.16 -8.92 -27.20
N GLY B 147 -14.94 -9.95 -27.51
CA GLY B 147 -15.24 -11.04 -26.56
C GLY B 147 -16.47 -10.84 -25.68
N VAL B 148 -17.21 -9.76 -25.90
CA VAL B 148 -18.40 -9.46 -25.11
C VAL B 148 -19.68 -9.68 -25.88
N PHE B 149 -19.73 -9.19 -27.11
CA PHE B 149 -20.95 -9.24 -27.89
C PHE B 149 -20.88 -10.33 -28.93
N THR B 150 -21.84 -11.25 -28.86
CA THR B 150 -22.02 -12.23 -29.90
C THR B 150 -23.20 -11.78 -30.75
N ALA B 151 -23.05 -11.88 -32.05
CA ALA B 151 -24.05 -11.41 -32.99
C ALA B 151 -24.17 -12.31 -34.21
N ASP B 152 -25.31 -12.27 -34.87
CA ASP B 152 -25.40 -12.72 -36.25
C ASP B 152 -25.59 -11.50 -37.15
N TYR B 153 -25.58 -11.71 -38.46
CA TYR B 153 -25.79 -10.61 -39.41
C TYR B 153 -27.17 -9.99 -39.23
N LEU B 154 -27.21 -8.66 -39.10
CA LEU B 154 -28.48 -7.95 -39.07
C LEU B 154 -29.21 -8.16 -40.39
N ASP B 155 -28.51 -7.93 -41.50
CA ASP B 155 -29.05 -8.11 -42.85
C ASP B 155 -27.92 -7.98 -43.88
N LYS B 156 -27.31 -9.11 -44.23
CA LYS B 156 -26.18 -9.19 -45.16
C LYS B 156 -26.33 -8.31 -46.40
N ASP B 157 -27.35 -8.58 -47.20
CA ASP B 157 -27.55 -7.87 -48.47
C ASP B 157 -27.62 -6.35 -48.30
N LYS B 158 -28.24 -5.91 -47.22
CA LYS B 158 -28.52 -4.49 -47.00
C LYS B 158 -27.34 -3.76 -46.33
N TYR B 159 -26.86 -4.26 -45.20
CA TYR B 159 -25.84 -3.58 -44.39
C TYR B 159 -24.44 -4.20 -44.48
N LYS B 160 -24.34 -5.40 -45.03
CA LYS B 160 -23.07 -6.15 -45.10
C LYS B 160 -22.61 -6.41 -43.65
N LEU B 161 -21.40 -6.02 -43.26
CA LEU B 161 -20.78 -6.52 -42.03
C LEU B 161 -21.30 -5.81 -40.77
N VAL B 162 -22.60 -5.90 -40.58
CA VAL B 162 -23.26 -5.31 -39.43
C VAL B 162 -23.96 -6.41 -38.62
N GLY B 163 -23.84 -6.33 -37.30
CA GLY B 163 -24.36 -7.33 -36.41
C GLY B 163 -25.67 -7.00 -35.72
N ASN B 164 -26.40 -8.05 -35.37
CA ASN B 164 -27.59 -8.00 -34.54
C ASN B 164 -27.24 -8.81 -33.30
N ILE B 165 -27.12 -8.15 -32.15
CA ILE B 165 -26.57 -8.80 -30.95
C ILE B 165 -27.57 -9.80 -30.39
N LYS B 166 -27.10 -11.00 -30.10
CA LYS B 166 -27.97 -12.06 -29.54
C LYS B 166 -27.55 -12.53 -28.14
N SER B 167 -26.34 -12.16 -27.70
CA SER B 167 -25.93 -12.42 -26.32
C SER B 167 -24.79 -11.50 -25.89
N VAL B 168 -24.72 -11.29 -24.56
CA VAL B 168 -23.66 -10.52 -23.94
C VAL B 168 -22.93 -11.44 -22.97
N THR B 169 -21.61 -11.53 -23.11
CA THR B 169 -20.77 -12.32 -22.23
C THR B 169 -20.20 -11.41 -21.14
N LYS B 170 -20.66 -11.63 -19.91
CA LYS B 170 -20.40 -10.71 -18.80
C LYS B 170 -19.01 -10.83 -18.16
N GLU B 171 -18.41 -12.01 -18.27
N GLU B 171 -18.38 -11.99 -18.25
CA GLU B 171 -17.18 -12.37 -17.56
CA GLU B 171 -17.16 -12.29 -17.47
C GLU B 171 -16.03 -11.35 -17.66
C GLU B 171 -16.02 -11.28 -17.63
N PRO B 172 -15.70 -10.88 -18.88
CA PRO B 172 -14.58 -9.92 -19.04
C PRO B 172 -14.81 -8.58 -18.32
N ILE B 173 -16.06 -8.15 -18.33
CA ILE B 173 -16.45 -6.91 -17.68
C ILE B 173 -16.35 -7.09 -16.16
N GLU B 174 -16.92 -8.19 -15.65
CA GLU B 174 -16.90 -8.47 -14.22
C GLU B 174 -15.46 -8.69 -13.71
N ALA B 175 -14.66 -9.40 -14.51
CA ALA B 175 -13.24 -9.63 -14.18
C ALA B 175 -12.47 -8.32 -14.07
N SER B 176 -12.76 -7.38 -14.98
CA SER B 176 -12.10 -6.08 -14.96
C SER B 176 -12.42 -5.33 -13.67
N ILE B 177 -13.70 -5.23 -13.35
CA ILE B 177 -14.13 -4.53 -12.14
C ILE B 177 -13.56 -5.19 -10.90
N LYS B 178 -13.59 -6.52 -10.85
CA LYS B 178 -13.08 -7.27 -9.70
C LYS B 178 -11.56 -7.04 -9.51
N ALA B 179 -10.83 -6.84 -10.61
CA ALA B 179 -9.41 -6.48 -10.58
C ALA B 179 -9.19 -5.00 -10.26
N GLY B 180 -10.26 -4.23 -10.14
CA GLY B 180 -10.17 -2.82 -9.82
C GLY B 180 -9.80 -1.95 -11.00
N ALA B 181 -10.25 -2.33 -12.20
CA ALA B 181 -10.05 -1.52 -13.40
C ALA B 181 -11.39 -1.20 -14.06
N LEU B 182 -11.54 0.04 -14.53
CA LEU B 182 -12.69 0.41 -15.34
C LEU B 182 -12.64 -0.33 -16.67
N PRO B 183 -13.70 -1.09 -16.98
CA PRO B 183 -13.79 -1.70 -18.30
C PRO B 183 -14.21 -0.66 -19.33
N ILE B 184 -13.41 -0.53 -20.39
CA ILE B 184 -13.69 0.39 -21.48
C ILE B 184 -13.96 -0.44 -22.75
N LEU B 185 -15.22 -0.48 -23.17
CA LEU B 185 -15.66 -1.37 -24.24
C LEU B 185 -15.88 -0.65 -25.55
N THR B 186 -15.63 -1.36 -26.64
CA THR B 186 -16.12 -0.98 -27.97
C THR B 186 -17.43 -1.71 -28.21
N SER B 187 -18.12 -1.35 -29.28
CA SER B 187 -19.34 -2.05 -29.66
C SER B 187 -19.13 -3.08 -30.80
N LEU B 188 -17.90 -3.50 -31.04
CA LEU B 188 -17.65 -4.60 -31.98
C LEU B 188 -18.24 -5.89 -31.44
N ALA B 189 -18.88 -6.68 -32.33
CA ALA B 189 -19.41 -7.99 -31.98
C ALA B 189 -18.77 -9.02 -32.89
N GLU B 190 -19.00 -10.30 -32.59
CA GLU B 190 -18.46 -11.40 -33.39
C GLU B 190 -19.47 -12.51 -33.56
N THR B 191 -19.49 -13.14 -34.74
CA THR B 191 -20.26 -14.37 -34.95
C THR B 191 -19.51 -15.50 -34.25
N ALA B 192 -20.21 -16.59 -33.98
CA ALA B 192 -19.59 -17.78 -33.38
C ALA B 192 -18.32 -18.19 -34.14
N SER B 193 -18.40 -18.16 -35.47
CA SER B 193 -17.27 -18.56 -36.32
C SER B 193 -16.16 -17.49 -36.45
N GLY B 194 -16.36 -16.34 -35.83
CA GLY B 194 -15.28 -15.36 -35.68
C GLY B 194 -15.22 -14.23 -36.71
N GLN B 195 -16.34 -13.94 -37.37
CA GLN B 195 -16.40 -12.73 -38.21
C GLN B 195 -16.82 -11.57 -37.33
N MET B 196 -15.94 -10.59 -37.18
CA MET B 196 -16.26 -9.40 -36.41
C MET B 196 -17.33 -8.61 -37.18
N LEU B 197 -18.34 -8.12 -36.46
CA LEU B 197 -19.39 -7.32 -37.08
C LEU B 197 -19.52 -5.97 -36.38
N ASN B 198 -19.89 -4.98 -37.18
CA ASN B 198 -20.05 -3.62 -36.71
C ASN B 198 -21.44 -3.48 -36.10
N VAL B 199 -21.51 -2.93 -34.89
CA VAL B 199 -22.78 -2.65 -34.22
C VAL B 199 -22.81 -1.21 -33.75
N ASN B 200 -23.92 -0.53 -33.99
CA ASN B 200 -24.11 0.83 -33.50
C ASN B 200 -23.92 0.88 -31.98
N ALA B 201 -23.16 1.85 -31.50
CA ALA B 201 -22.77 1.90 -30.09
C ALA B 201 -23.95 2.16 -29.16
N ASP B 202 -24.94 2.93 -29.60
CA ASP B 202 -26.18 3.11 -28.82
C ASP B 202 -26.89 1.76 -28.59
N VAL B 203 -26.96 0.95 -29.63
CA VAL B 203 -27.62 -0.36 -29.56
C VAL B 203 -26.86 -1.27 -28.60
N ALA B 204 -25.54 -1.35 -28.80
CA ALA B 204 -24.69 -2.18 -27.95
C ALA B 204 -24.82 -1.80 -26.47
N ALA B 205 -24.80 -0.49 -26.19
CA ALA B 205 -24.96 0.01 -24.81
C ALA B 205 -26.28 -0.43 -24.21
N GLY B 206 -27.34 -0.36 -25.02
CA GLY B 206 -28.63 -0.88 -24.61
C GLY B 206 -28.61 -2.35 -24.25
N GLU B 207 -27.82 -3.14 -24.97
CA GLU B 207 -27.68 -4.57 -24.66
C GLU B 207 -26.95 -4.80 -23.33
N LEU B 208 -26.00 -3.92 -23.00
CA LEU B 208 -25.30 -4.03 -21.72
C LEU B 208 -26.26 -3.70 -20.58
N ALA B 209 -27.03 -2.63 -20.73
CA ALA B 209 -27.98 -2.22 -19.69
C ALA B 209 -28.99 -3.33 -19.44
N ARG B 210 -29.46 -3.95 -20.51
CA ARG B 210 -30.42 -5.05 -20.42
C ARG B 210 -29.92 -6.19 -19.51
N VAL B 211 -28.66 -6.59 -19.65
CA VAL B 211 -28.16 -7.75 -18.89
C VAL B 211 -27.64 -7.37 -17.49
N PHE B 212 -27.12 -6.15 -17.33
CA PHE B 212 -26.60 -5.70 -16.02
C PHE B 212 -27.63 -5.00 -15.12
N GLU B 213 -28.70 -4.45 -15.70
CA GLU B 213 -29.74 -3.73 -14.95
C GLU B 213 -29.14 -2.74 -13.95
N PRO B 214 -28.30 -1.82 -14.44
CA PRO B 214 -27.62 -0.89 -13.56
C PRO B 214 -28.56 0.14 -12.95
N LEU B 215 -28.16 0.74 -11.83
CA LEU B 215 -28.94 1.84 -11.25
C LEU B 215 -29.10 2.98 -12.24
N LYS B 216 -28.00 3.35 -12.90
CA LYS B 216 -27.96 4.47 -13.82
C LYS B 216 -27.68 4.00 -15.26
N ILE B 217 -28.42 4.55 -16.22
CA ILE B 217 -28.18 4.30 -17.63
C ILE B 217 -27.98 5.65 -18.29
N VAL B 218 -26.76 5.92 -18.75
CA VAL B 218 -26.39 7.25 -19.24
C VAL B 218 -25.79 7.18 -20.64
N TYR B 219 -26.28 8.06 -21.51
CA TYR B 219 -25.74 8.27 -22.85
C TYR B 219 -25.16 9.68 -22.88
N LEU B 220 -23.87 9.81 -23.16
CA LEU B 220 -23.22 11.10 -23.29
C LEU B 220 -23.17 11.51 -24.75
N ASN B 221 -23.73 12.67 -25.08
CA ASN B 221 -23.53 13.28 -26.41
C ASN B 221 -23.17 14.75 -26.28
N GLU B 222 -22.81 15.38 -27.39
CA GLU B 222 -22.37 16.78 -27.35
C GLU B 222 -23.51 17.76 -27.12
N LYS B 223 -24.70 17.48 -27.66
CA LYS B 223 -25.85 18.37 -27.54
C LYS B 223 -26.50 18.39 -26.15
N GLY B 224 -26.23 17.37 -25.34
CA GLY B 224 -26.78 17.28 -24.00
C GLY B 224 -28.25 16.88 -24.01
N GLY B 225 -28.58 15.90 -24.83
CA GLY B 225 -29.94 15.38 -24.93
C GLY B 225 -30.42 15.31 -26.37
N ILE B 226 -31.73 15.36 -26.54
CA ILE B 226 -32.37 15.37 -27.85
C ILE B 226 -33.17 16.66 -28.02
N ILE B 227 -33.01 17.31 -29.17
CA ILE B 227 -33.73 18.53 -29.49
C ILE B 227 -34.96 18.21 -30.35
N ASN B 228 -36.11 18.79 -30.00
CA ASN B 228 -37.30 18.70 -30.83
C ASN B 228 -37.10 19.58 -32.06
N GLY B 229 -36.98 18.93 -33.22
CA GLY B 229 -36.76 19.62 -34.49
C GLY B 229 -37.84 20.59 -34.89
N SER B 230 -39.10 20.29 -34.56
CA SER B 230 -40.21 21.17 -34.96
C SER B 230 -40.23 22.48 -34.17
N THR B 231 -39.59 22.52 -33.01
CA THR B 231 -39.60 23.73 -32.17
C THR B 231 -38.21 24.30 -31.84
N GLY B 232 -37.15 23.51 -32.03
CA GLY B 232 -35.80 23.92 -31.65
C GLY B 232 -35.52 23.90 -30.15
N GLU B 233 -36.37 23.22 -29.39
CA GLU B 233 -36.26 23.17 -27.93
C GLU B 233 -35.82 21.80 -27.44
N LYS B 234 -34.88 21.78 -26.50
CA LYS B 234 -34.45 20.53 -25.88
C LYS B 234 -35.63 19.83 -25.20
N ILE B 235 -35.75 18.52 -25.41
CA ILE B 235 -36.79 17.72 -24.76
C ILE B 235 -36.28 17.29 -23.39
N SER B 236 -36.98 17.68 -22.33
CA SER B 236 -36.50 17.36 -20.99
C SER B 236 -36.92 15.94 -20.57
N MET B 237 -38.13 15.53 -20.94
CA MET B 237 -38.65 14.22 -20.56
C MET B 237 -39.39 13.59 -21.73
N ILE B 238 -39.16 12.29 -21.95
CA ILE B 238 -39.98 11.52 -22.87
C ILE B 238 -40.65 10.36 -22.12
N ASN B 239 -41.99 10.40 -22.09
CA ASN B 239 -42.81 9.36 -21.49
C ASN B 239 -43.24 8.40 -22.61
N LEU B 240 -42.54 7.26 -22.71
CA LEU B 240 -42.63 6.39 -23.89
C LEU B 240 -44.00 5.80 -24.17
N ASP B 241 -44.66 5.27 -23.14
CA ASP B 241 -45.97 4.62 -23.31
C ASP B 241 -46.98 5.59 -23.90
N GLU B 242 -46.88 6.85 -23.50
CA GLU B 242 -47.76 7.89 -24.00
C GLU B 242 -47.29 8.43 -25.35
N GLU B 243 -45.99 8.65 -25.49
CA GLU B 243 -45.44 9.46 -26.59
C GLU B 243 -44.70 8.72 -27.72
N TYR B 244 -44.26 7.49 -27.48
CA TYR B 244 -43.36 6.81 -28.42
C TYR B 244 -43.93 6.69 -29.83
N ASP B 245 -45.13 6.12 -29.96
CA ASP B 245 -45.73 5.86 -31.27
C ASP B 245 -45.78 7.15 -32.11
N ASP B 246 -46.35 8.21 -31.54
CA ASP B 246 -46.48 9.49 -32.24
C ASP B 246 -45.12 10.10 -32.55
N LEU B 247 -44.18 9.99 -31.62
CA LEU B 247 -42.86 10.57 -31.77
C LEU B 247 -42.13 9.97 -32.97
N MET B 248 -42.21 8.66 -33.12
CA MET B 248 -41.52 7.97 -34.21
C MET B 248 -42.15 8.27 -35.57
N LYS B 249 -43.36 8.83 -35.59
CA LYS B 249 -44.00 9.28 -36.84
C LYS B 249 -43.51 10.66 -37.29
N GLN B 250 -42.90 11.44 -36.39
CA GLN B 250 -42.50 12.82 -36.72
C GLN B 250 -41.34 12.81 -37.71
N SER B 251 -41.43 13.65 -38.74
CA SER B 251 -40.45 13.65 -39.82
C SER B 251 -39.10 14.27 -39.44
N TRP B 252 -39.04 15.04 -38.37
CA TRP B 252 -37.77 15.59 -37.88
C TRP B 252 -36.95 14.55 -37.13
N VAL B 253 -37.61 13.50 -36.65
CA VAL B 253 -36.94 12.39 -35.98
C VAL B 253 -36.36 11.48 -37.04
N LYS B 254 -35.05 11.57 -37.26
CA LYS B 254 -34.42 10.80 -38.34
C LYS B 254 -33.17 10.07 -37.87
N TYR B 255 -32.63 9.26 -38.78
CA TYR B 255 -31.29 8.68 -38.68
C TYR B 255 -30.95 8.12 -37.27
N GLY B 256 -29.80 8.51 -36.72
CA GLY B 256 -29.32 7.97 -35.45
C GLY B 256 -30.23 8.21 -34.25
N THR B 257 -30.96 9.32 -34.25
CA THR B 257 -31.85 9.64 -33.14
C THR B 257 -32.97 8.61 -33.04
N LYS B 258 -33.62 8.35 -34.17
CA LYS B 258 -34.69 7.36 -34.26
C LYS B 258 -34.21 5.99 -33.76
N LEU B 259 -33.03 5.59 -34.22
CA LEU B 259 -32.41 4.33 -33.79
C LEU B 259 -32.16 4.32 -32.26
N LYS B 260 -31.67 5.44 -31.74
CA LYS B 260 -31.40 5.58 -30.30
C LYS B 260 -32.70 5.44 -29.49
N ILE B 261 -33.73 6.19 -29.85
CA ILE B 261 -35.00 6.14 -29.13
C ILE B 261 -35.61 4.73 -29.21
N ARG B 262 -35.55 4.10 -30.38
CA ARG B 262 -36.04 2.74 -30.58
C ARG B 262 -35.41 1.74 -29.60
N GLU B 263 -34.08 1.74 -29.52
N GLU B 263 -34.08 1.73 -29.50
CA GLU B 263 -33.37 0.79 -28.64
CA GLU B 263 -33.41 0.76 -28.65
C GLU B 263 -33.69 1.06 -27.17
C GLU B 263 -33.60 1.06 -27.15
N ILE B 264 -33.73 2.33 -26.79
CA ILE B 264 -34.06 2.72 -25.42
C ILE B 264 -35.47 2.27 -25.06
N LYS B 265 -36.42 2.45 -25.99
CA LYS B 265 -37.79 1.98 -25.77
C LYS B 265 -37.82 0.46 -25.54
N GLU B 266 -37.10 -0.27 -26.37
CA GLU B 266 -37.07 -1.72 -26.27
C GLU B 266 -36.41 -2.17 -24.97
N LEU B 267 -35.37 -1.44 -24.56
CA LEU B 267 -34.68 -1.70 -23.30
C LEU B 267 -35.61 -1.51 -22.11
N LEU B 268 -36.31 -0.38 -22.07
CA LEU B 268 -37.17 -0.03 -20.94
C LEU B 268 -38.44 -0.89 -20.87
N ASP B 269 -38.83 -1.49 -22.00
CA ASP B 269 -39.89 -2.50 -21.99
C ASP B 269 -39.49 -3.73 -21.19
N TYR B 270 -38.20 -4.04 -21.17
CA TYR B 270 -37.66 -5.20 -20.46
C TYR B 270 -37.30 -4.88 -19.00
N LEU B 271 -36.69 -3.71 -18.78
CA LEU B 271 -36.28 -3.29 -17.44
C LEU B 271 -37.51 -2.91 -16.59
N PRO B 272 -37.34 -2.90 -15.25
CA PRO B 272 -38.45 -2.45 -14.40
C PRO B 272 -38.80 -0.98 -14.66
N ARG B 273 -40.01 -0.59 -14.30
CA ARG B 273 -40.50 0.78 -14.50
C ARG B 273 -39.69 1.81 -13.73
N SER B 274 -39.08 1.38 -12.63
CA SER B 274 -38.15 2.23 -11.86
C SER B 274 -36.95 2.73 -12.67
N SER B 275 -36.55 2.00 -13.71
CA SER B 275 -35.41 2.40 -14.54
C SER B 275 -35.74 3.58 -15.44
N SER B 276 -34.69 4.26 -15.88
CA SER B 276 -34.80 5.36 -16.82
C SER B 276 -33.47 5.53 -17.53
N VAL B 277 -33.48 6.30 -18.61
CA VAL B 277 -32.28 6.59 -19.39
C VAL B 277 -32.08 8.09 -19.53
N ALA B 278 -30.86 8.53 -19.21
CA ALA B 278 -30.49 9.93 -19.28
C ALA B 278 -29.58 10.16 -20.48
N ILE B 279 -29.96 11.08 -21.36
CA ILE B 279 -29.09 11.51 -22.47
C ILE B 279 -28.60 12.91 -22.11
N ILE B 280 -27.32 13.02 -21.78
CA ILE B 280 -26.79 14.24 -21.21
C ILE B 280 -25.43 14.59 -21.78
N ASN B 281 -24.97 15.79 -21.44
CA ASN B 281 -23.63 16.21 -21.72
C ASN B 281 -22.75 15.79 -20.55
N VAL B 282 -21.44 15.71 -20.77
CA VAL B 282 -20.54 15.23 -19.73
C VAL B 282 -20.47 16.17 -18.52
N GLN B 283 -20.71 17.47 -18.72
CA GLN B 283 -20.73 18.41 -17.59
C GLN B 283 -21.91 18.16 -16.62
N ASP B 284 -22.91 17.39 -17.04
CA ASP B 284 -24.01 16.99 -16.14
C ASP B 284 -23.89 15.57 -15.56
N LEU B 285 -22.79 14.86 -15.84
CA LEU B 285 -22.65 13.47 -15.42
C LEU B 285 -22.68 13.29 -13.90
N GLN B 286 -21.89 14.09 -13.18
CA GLN B 286 -21.81 13.97 -11.72
C GLN B 286 -23.20 14.15 -11.09
N LYS B 287 -23.92 15.17 -11.54
CA LYS B 287 -25.25 15.45 -11.02
C LYS B 287 -26.25 14.31 -11.34
N GLU B 288 -26.16 13.78 -12.55
CA GLU B 288 -27.00 12.66 -12.99
C GLU B 288 -26.74 11.36 -12.20
N LEU B 289 -25.48 11.09 -11.86
CA LEU B 289 -25.13 9.86 -11.15
C LEU B 289 -25.40 9.94 -9.64
N PHE B 290 -25.14 11.09 -9.03
CA PHE B 290 -25.25 11.24 -7.57
C PHE B 290 -26.63 11.68 -7.04
N THR B 291 -27.50 12.18 -7.91
CA THR B 291 -28.83 12.66 -7.53
C THR B 291 -29.91 12.17 -8.48
N ASP B 292 -31.17 12.36 -8.10
CA ASP B 292 -32.34 12.01 -8.92
C ASP B 292 -32.83 13.17 -9.77
N SER B 293 -32.20 14.34 -9.64
CA SER B 293 -32.63 15.50 -10.40
C SER B 293 -31.90 15.47 -11.72
N GLY B 294 -32.44 14.67 -12.65
CA GLY B 294 -31.81 14.45 -13.95
C GLY B 294 -31.53 15.72 -14.71
N ALA B 295 -30.78 15.59 -15.80
CA ALA B 295 -30.50 16.70 -16.69
C ALA B 295 -30.75 16.23 -18.11
N GLY B 296 -30.59 17.15 -19.06
CA GLY B 296 -30.68 16.79 -20.46
C GLY B 296 -32.04 16.20 -20.82
N THR B 297 -32.03 15.08 -21.52
CA THR B 297 -33.26 14.41 -21.94
C THR B 297 -33.39 13.10 -21.17
N MET B 298 -34.41 13.02 -20.31
CA MET B 298 -34.69 11.81 -19.56
C MET B 298 -35.77 11.02 -20.29
N ILE B 299 -35.57 9.72 -20.42
CA ILE B 299 -36.53 8.84 -21.05
C ILE B 299 -36.95 7.76 -20.07
N ARG B 300 -38.25 7.60 -19.90
CA ARG B 300 -38.77 6.51 -19.07
C ARG B 300 -40.02 5.93 -19.72
N ARG B 301 -40.42 4.76 -19.24
CA ARG B 301 -41.69 4.15 -19.63
C ARG B 301 -42.82 5.00 -19.04
N GLY B 302 -43.76 5.39 -19.87
CA GLY B 302 -44.90 6.23 -19.43
C GLY B 302 -45.91 5.49 -18.57
N ASN C 13 -1.27 16.38 9.59
CA ASN C 13 -1.24 17.06 8.26
C ASN C 13 -1.78 16.16 7.14
N GLY C 14 -1.25 14.94 7.05
CA GLY C 14 -1.55 14.04 5.94
C GLY C 14 -2.98 13.50 5.94
N PHE C 15 -3.76 13.95 4.96
CA PHE C 15 -5.11 13.46 4.72
C PHE C 15 -5.05 12.23 3.81
N SER C 16 -5.68 11.14 4.24
CA SER C 16 -5.73 9.91 3.46
C SER C 16 -6.90 9.06 3.89
N ALA C 17 -8.05 9.28 3.24
CA ALA C 17 -9.30 8.66 3.63
C ALA C 17 -9.38 7.21 3.16
N THR C 18 -9.39 6.29 4.11
CA THR C 18 -9.54 4.86 3.83
C THR C 18 -11.02 4.57 3.57
N ARG C 19 -11.29 3.34 3.17
CA ARG C 19 -12.66 2.87 2.99
C ARG C 19 -13.52 3.15 4.22
N SER C 20 -13.02 2.74 5.40
CA SER C 20 -13.78 2.93 6.63
C SER C 20 -13.91 4.42 6.98
N THR C 21 -12.88 5.22 6.65
CA THR C 21 -12.94 6.67 6.84
C THR C 21 -14.06 7.33 6.04
N VAL C 22 -14.23 6.91 4.79
CA VAL C 22 -15.28 7.43 3.94
C VAL C 22 -16.68 7.07 4.49
N ILE C 23 -16.83 5.82 4.93
CA ILE C 23 -18.10 5.36 5.47
C ILE C 23 -18.38 6.10 6.79
N GLN C 24 -17.34 6.18 7.63
CA GLN C 24 -17.41 6.90 8.90
C GLN C 24 -17.87 8.36 8.72
N LEU C 25 -17.33 9.01 7.69
CA LEU C 25 -17.67 10.40 7.39
C LEU C 25 -19.12 10.57 6.92
N LEU C 26 -19.53 9.76 5.96
CA LEU C 26 -20.83 9.92 5.32
C LEU C 26 -22.01 9.31 6.10
N ASN C 27 -21.74 8.29 6.91
CA ASN C 27 -22.81 7.53 7.59
C ASN C 27 -23.87 8.38 8.30
N ASN C 28 -23.41 9.45 8.94
CA ASN C 28 -24.25 10.27 9.80
C ASN C 28 -24.77 11.54 9.13
N ILE C 29 -24.36 11.77 7.89
CA ILE C 29 -24.67 13.00 7.15
C ILE C 29 -26.05 12.92 6.48
N SER C 30 -26.90 13.91 6.79
CA SER C 30 -28.27 13.97 6.27
C SER C 30 -28.64 15.31 5.62
N THR C 31 -27.82 16.34 5.83
CA THR C 31 -28.15 17.70 5.37
C THR C 31 -26.95 18.38 4.73
N LYS C 32 -27.23 19.41 3.92
CA LYS C 32 -26.19 20.21 3.31
C LYS C 32 -25.39 20.94 4.38
N ARG C 33 -26.06 21.28 5.48
CA ARG C 33 -25.41 21.97 6.60
C ARG C 33 -24.28 21.12 7.22
N GLU C 34 -24.55 19.83 7.41
CA GLU C 34 -23.53 18.90 7.94
C GLU C 34 -22.34 18.77 6.99
N VAL C 35 -22.64 18.65 5.71
CA VAL C 35 -21.62 18.64 4.66
C VAL C 35 -20.73 19.88 4.75
N GLU C 36 -21.34 21.06 4.80
CA GLU C 36 -20.58 22.31 4.87
C GLU C 36 -19.74 22.40 6.13
N GLN C 37 -20.24 21.82 7.23
CA GLN C 37 -19.47 21.77 8.47
C GLN C 37 -18.17 20.97 8.29
N TYR C 38 -18.24 19.83 7.62
CA TYR C 38 -17.05 19.02 7.33
C TYR C 38 -16.11 19.68 6.31
N LEU C 39 -16.70 20.36 5.32
CA LEU C 39 -15.91 21.09 4.33
C LEU C 39 -15.08 22.20 4.98
N LYS C 40 -15.63 22.83 6.00
CA LYS C 40 -14.92 23.88 6.74
C LYS C 40 -13.64 23.36 7.38
N TYR C 41 -13.69 22.17 7.98
CA TYR C 41 -12.52 21.58 8.61
C TYR C 41 -11.52 21.01 7.59
N PHE C 42 -12.00 20.47 6.48
CA PHE C 42 -11.11 19.85 5.49
C PHE C 42 -10.44 20.86 4.55
N THR C 43 -11.02 22.05 4.41
CA THR C 43 -10.43 23.11 3.59
C THR C 43 -9.60 24.10 4.43
N SER C 44 -9.57 23.91 5.74
CA SER C 44 -8.89 24.84 6.65
C SER C 44 -7.38 24.85 6.42
N VAL C 45 -6.78 26.03 6.61
CA VAL C 45 -5.33 26.22 6.48
C VAL C 45 -4.69 26.75 7.77
N SER C 46 -5.45 26.84 8.86
CA SER C 46 -4.93 27.41 10.10
C SER C 46 -3.89 26.48 10.73
N GLN C 47 -2.93 27.08 11.45
CA GLN C 47 -1.81 26.35 12.03
C GLN C 47 -2.12 25.87 13.45
N GLN C 48 -3.29 26.28 13.98
CA GLN C 48 -3.70 25.94 15.34
C GLN C 48 -3.83 24.44 15.53
N GLN C 49 -3.35 23.94 16.67
CA GLN C 49 -3.56 22.53 17.03
C GLN C 49 -5.04 22.19 17.01
N PHE C 50 -5.38 21.05 16.42
CA PHE C 50 -6.77 20.70 16.27
C PHE C 50 -7.44 20.41 17.61
N ALA C 51 -6.83 19.54 18.41
CA ALA C 51 -7.45 19.08 19.64
C ALA C 51 -6.48 18.57 20.68
N VAL C 52 -6.85 18.80 21.94
CA VAL C 52 -6.29 18.06 23.06
C VAL C 52 -7.43 17.20 23.58
N ILE C 53 -7.21 15.89 23.63
CA ILE C 53 -8.23 14.93 24.06
C ILE C 53 -7.74 14.15 25.27
N LYS C 54 -8.44 14.30 26.38
CA LYS C 54 -8.16 13.54 27.59
C LYS C 54 -9.02 12.28 27.61
N VAL C 55 -8.40 11.13 27.82
CA VAL C 55 -9.09 9.84 27.83
C VAL C 55 -9.07 9.26 29.24
N GLY C 56 -10.25 9.11 29.85
CA GLY C 56 -10.36 8.45 31.15
C GLY C 56 -9.78 7.06 31.05
N GLY C 57 -8.99 6.65 32.06
CA GLY C 57 -8.32 5.36 32.03
C GLY C 57 -9.22 4.17 31.73
N ALA C 58 -10.43 4.18 32.28
CA ALA C 58 -11.36 3.06 32.12
C ALA C 58 -11.69 2.74 30.65
N ILE C 59 -11.72 3.75 29.79
CA ILE C 59 -12.08 3.56 28.37
C ILE C 59 -11.09 2.61 27.67
N ILE C 60 -9.83 2.66 28.08
CA ILE C 60 -8.76 1.86 27.47
C ILE C 60 -8.94 0.37 27.78
N SER C 61 -9.49 0.06 28.94
CA SER C 61 -9.81 -1.33 29.32
C SER C 61 -11.21 -1.77 28.88
N ASP C 62 -12.14 -0.82 28.77
CA ASP C 62 -13.57 -1.15 28.63
C ASP C 62 -14.10 -1.04 27.20
N ASN C 63 -13.62 -0.04 26.44
CA ASN C 63 -14.12 0.21 25.09
C ASN C 63 -12.99 0.65 24.15
N LEU C 64 -11.91 -0.13 24.16
CA LEU C 64 -10.69 0.23 23.46
C LEU C 64 -10.86 0.28 21.93
N HIS C 65 -11.52 -0.71 21.35
CA HIS C 65 -11.72 -0.75 19.88
C HIS C 65 -12.39 0.52 19.38
N GLU C 66 -13.46 0.92 20.07
CA GLU C 66 -14.23 2.11 19.74
C GLU C 66 -13.39 3.38 19.88
N LEU C 67 -12.61 3.47 20.96
CA LEU C 67 -11.69 4.60 21.16
C LEU C 67 -10.66 4.68 20.03
N ALA C 68 -10.01 3.57 19.73
CA ALA C 68 -9.01 3.52 18.66
C ALA C 68 -9.64 3.92 17.33
N SER C 69 -10.86 3.47 17.10
CA SER C 69 -11.59 3.79 15.89
C SER C 69 -11.89 5.29 15.67
N CYS C 70 -12.34 6.06 16.68
CA CYS C 70 -12.58 7.51 16.41
C CYS C 70 -11.29 8.31 16.31
N LEU C 71 -10.26 7.92 17.06
CA LEU C 71 -8.95 8.55 16.90
C LEU C 71 -8.41 8.29 15.50
N ALA C 72 -8.66 7.09 14.97
CA ALA C 72 -8.23 6.73 13.63
C ALA C 72 -8.90 7.61 12.57
N PHE C 73 -10.17 7.90 12.76
CA PHE C 73 -10.88 8.78 11.84
C PHE C 73 -10.20 10.15 11.76
N LEU C 74 -9.83 10.69 12.92
CA LEU C 74 -9.18 12.00 12.98
C LEU C 74 -7.80 11.97 12.31
N TYR C 75 -7.05 10.90 12.56
CA TYR C 75 -5.76 10.67 11.89
C TYR C 75 -5.89 10.68 10.36
N HIS C 76 -6.84 9.89 9.86
CA HIS C 76 -7.01 9.72 8.43
C HIS C 76 -7.47 10.99 7.70
N VAL C 77 -8.22 11.85 8.38
CA VAL C 77 -8.60 13.14 7.77
C VAL C 77 -7.61 14.28 8.12
N GLY C 78 -6.44 13.92 8.65
CA GLY C 78 -5.36 14.87 8.87
C GLY C 78 -5.59 15.88 9.97
N LEU C 79 -6.37 15.50 10.99
CA LEU C 79 -6.66 16.37 12.12
C LEU C 79 -6.19 15.71 13.40
N TYR C 80 -4.88 15.75 13.62
CA TYR C 80 -4.23 14.96 14.66
C TYR C 80 -4.52 15.51 16.04
N PRO C 81 -5.16 14.70 16.92
CA PRO C 81 -5.29 15.08 18.31
C PRO C 81 -4.02 14.79 19.13
N ILE C 82 -3.77 15.61 20.13
CA ILE C 82 -2.83 15.29 21.18
C ILE C 82 -3.61 14.54 22.24
N VAL C 83 -3.21 13.31 22.53
CA VAL C 83 -3.99 12.43 23.38
C VAL C 83 -3.27 12.19 24.71
N LEU C 84 -3.98 12.46 25.81
CA LEU C 84 -3.47 12.24 27.16
C LEU C 84 -4.45 11.34 27.88
N HIS C 85 -3.99 10.21 28.40
CA HIS C 85 -4.90 9.29 29.09
C HIS C 85 -4.51 9.13 30.55
N GLY C 86 -5.46 8.61 31.33
CA GLY C 86 -5.24 8.29 32.72
C GLY C 86 -5.12 6.79 32.91
N THR C 87 -5.20 6.37 34.17
CA THR C 87 -5.16 4.96 34.52
C THR C 87 -5.70 4.71 35.93
N GLY C 88 -6.48 5.64 36.45
CA GLY C 88 -6.95 5.59 37.84
C GLY C 88 -7.71 4.34 38.22
N PRO C 89 -8.71 3.94 37.40
CA PRO C 89 -9.52 2.75 37.74
C PRO C 89 -8.73 1.44 37.80
N GLN C 90 -7.76 1.25 36.93
CA GLN C 90 -7.01 -0.01 36.94
C GLN C 90 -5.94 -0.03 38.05
N VAL C 91 -5.45 1.13 38.46
CA VAL C 91 -4.60 1.24 39.65
C VAL C 91 -5.41 0.82 40.90
N ASN C 92 -6.63 1.32 41.00
CA ASN C 92 -7.53 0.95 42.10
C ASN C 92 -7.82 -0.54 42.13
N GLY C 93 -8.08 -1.12 40.96
CA GLY C 93 -8.24 -2.57 40.83
C GLY C 93 -7.01 -3.35 41.27
N ARG C 94 -5.81 -2.84 40.97
CA ARG C 94 -4.56 -3.48 41.40
C ARG C 94 -4.41 -3.40 42.93
N LEU C 95 -4.60 -2.18 43.45
CA LEU C 95 -4.52 -1.93 44.89
C LEU C 95 -5.51 -2.82 45.67
N GLU C 96 -6.77 -2.82 45.22
N GLU C 96 -6.75 -2.88 45.22
CA GLU C 96 -7.82 -3.70 45.73
CA GLU C 96 -7.78 -3.70 45.87
C GLU C 96 -7.35 -5.14 45.90
C GLU C 96 -7.40 -5.19 45.89
N ALA C 97 -6.72 -5.67 44.85
CA ALA C 97 -6.24 -7.05 44.83
C ALA C 97 -5.08 -7.31 45.81
N GLN C 98 -4.30 -6.28 46.11
CA GLN C 98 -3.23 -6.37 47.12
C GLN C 98 -3.74 -6.09 48.53
N GLY C 99 -5.04 -5.81 48.66
CA GLY C 99 -5.66 -5.51 49.95
C GLY C 99 -5.42 -4.09 50.43
N ILE C 100 -5.20 -3.16 49.50
CA ILE C 100 -4.94 -1.76 49.86
C ILE C 100 -6.08 -0.86 49.41
N GLU C 101 -6.57 -0.03 50.32
CA GLU C 101 -7.65 0.91 50.03
C GLU C 101 -7.06 2.13 49.34
N PRO C 102 -7.66 2.55 48.20
CA PRO C 102 -7.18 3.75 47.52
C PRO C 102 -7.29 5.00 48.40
N ASP C 103 -6.28 5.85 48.33
CA ASP C 103 -6.12 6.96 49.25
C ASP C 103 -6.12 8.30 48.49
N TYR C 104 -7.20 9.06 48.64
CA TYR C 104 -7.41 10.31 47.90
C TYR C 104 -7.66 11.48 48.86
N ILE C 105 -7.27 12.68 48.42
CA ILE C 105 -7.68 13.92 49.08
C ILE C 105 -7.98 14.93 47.98
N ASP C 106 -9.16 15.56 48.03
CA ASP C 106 -9.56 16.57 47.04
C ASP C 106 -9.45 16.06 45.59
N GLY C 107 -9.79 14.79 45.40
CA GLY C 107 -9.74 14.16 44.07
C GLY C 107 -8.34 13.77 43.60
N ILE C 108 -7.33 13.99 44.45
CA ILE C 108 -5.94 13.73 44.11
C ILE C 108 -5.44 12.51 44.89
N ARG C 109 -4.80 11.57 44.20
CA ARG C 109 -4.31 10.36 44.86
C ARG C 109 -3.09 10.65 45.73
N ILE C 110 -3.17 10.27 47.00
CA ILE C 110 -1.97 10.24 47.85
C ILE C 110 -1.13 9.07 47.37
N THR C 111 0.13 9.34 47.03
CA THR C 111 0.96 8.38 46.32
C THR C 111 2.31 8.14 47.00
N ASP C 112 2.39 7.09 47.81
CA ASP C 112 3.65 6.67 48.43
C ASP C 112 4.44 5.80 47.45
N GLU C 113 5.62 5.32 47.89
CA GLU C 113 6.54 4.59 47.01
C GLU C 113 5.89 3.36 46.37
N HIS C 114 5.26 2.51 47.19
CA HIS C 114 4.57 1.33 46.66
C HIS C 114 3.52 1.74 45.63
N THR C 115 2.70 2.71 45.98
CA THR C 115 1.63 3.18 45.10
C THR C 115 2.18 3.77 43.80
N MET C 116 3.32 4.44 43.87
CA MET C 116 3.95 4.98 42.66
C MET C 116 4.38 3.87 41.70
N ALA C 117 4.88 2.76 42.25
CA ALA C 117 5.26 1.61 41.42
C ALA C 117 4.05 1.03 40.69
N VAL C 118 2.90 0.99 41.36
CA VAL C 118 1.67 0.50 40.74
C VAL C 118 1.20 1.48 39.66
N VAL C 119 1.16 2.76 40.01
CA VAL C 119 0.73 3.81 39.08
C VAL C 119 1.59 3.81 37.81
N ARG C 120 2.90 3.74 37.99
CA ARG C 120 3.84 3.74 36.87
C ARG C 120 3.60 2.54 35.96
N LYS C 121 3.56 1.34 36.53
CA LYS C 121 3.35 0.11 35.77
C LYS C 121 2.02 0.15 35.01
N CYS C 122 1.17 0.43 35.75
CA CYS C 122 -0.18 0.48 35.18
C CYS C 122 -0.32 1.70 34.20
N PHE C 123 0.20 2.79 34.22
CA PHE C 123 0.26 3.83 33.18
C PHE C 123 0.91 3.32 31.88
N LEU C 124 2.06 2.64 32.01
CA LEU C 124 2.78 2.12 30.85
C LEU C 124 1.97 1.07 30.11
N GLU C 125 1.24 0.25 30.87
CA GLU C 125 0.37 -0.77 30.30
C GLU C 125 -0.76 -0.15 29.47
N GLN C 126 -1.46 0.82 30.06
CA GLN C 126 -2.57 1.48 29.37
C GLN C 126 -2.11 2.26 28.14
N ASN C 127 -0.98 2.93 28.27
CA ASN C 127 -0.38 3.67 27.17
C ASN C 127 -0.06 2.76 25.99
N LEU C 128 0.60 1.64 26.25
CA LEU C 128 0.98 0.71 25.18
C LEU C 128 -0.24 0.03 24.58
N LYS C 129 -1.26 -0.24 25.39
CA LYS C 129 -2.52 -0.80 24.90
C LYS C 129 -3.18 0.13 23.88
N LEU C 130 -3.16 1.43 24.15
CA LEU C 130 -3.78 2.39 23.25
C LEU C 130 -2.94 2.53 21.98
N VAL C 131 -1.63 2.68 22.16
CA VAL C 131 -0.72 2.82 21.03
C VAL C 131 -0.84 1.61 20.09
N THR C 132 -0.87 0.41 20.66
CA THR C 132 -0.93 -0.82 19.88
C THR C 132 -2.27 -0.97 19.15
N ALA C 133 -3.37 -0.61 19.81
CA ALA C 133 -4.68 -0.63 19.14
C ALA C 133 -4.70 0.33 17.93
N LEU C 134 -4.07 1.49 18.06
CA LEU C 134 -4.00 2.45 16.96
C LEU C 134 -3.17 1.88 15.81
N GLU C 135 -2.01 1.32 16.14
CA GLU C 135 -1.12 0.71 15.14
C GLU C 135 -1.80 -0.45 14.40
N GLN C 136 -2.62 -1.23 15.10
CA GLN C 136 -3.35 -2.34 14.47
C GLN C 136 -4.39 -1.87 13.45
N LEU C 137 -4.86 -0.63 13.62
CA LEU C 137 -5.75 0.02 12.65
C LEU C 137 -4.98 0.76 11.55
N GLY C 138 -3.65 0.62 11.55
CA GLY C 138 -2.81 1.31 10.59
C GLY C 138 -2.60 2.78 10.91
N VAL C 139 -2.74 3.13 12.19
CA VAL C 139 -2.48 4.49 12.64
C VAL C 139 -1.12 4.52 13.35
N ARG C 140 -0.23 5.39 12.90
CA ARG C 140 1.04 5.58 13.59
C ARG C 140 0.78 6.29 14.91
N ALA C 141 1.31 5.72 15.99
CA ALA C 141 1.19 6.30 17.31
C ALA C 141 2.51 6.18 18.02
N ARG C 142 2.85 7.23 18.76
CA ARG C 142 4.10 7.28 19.49
C ARG C 142 3.80 7.34 20.99
N PRO C 143 4.29 6.34 21.76
CA PRO C 143 4.15 6.45 23.21
C PRO C 143 5.06 7.55 23.76
N ILE C 144 4.47 8.53 24.44
CA ILE C 144 5.26 9.59 25.08
C ILE C 144 4.98 9.53 26.58
N THR C 145 5.85 8.82 27.28
CA THR C 145 5.64 8.48 28.69
C THR C 145 6.49 9.31 29.65
N SER C 146 7.42 10.09 29.12
CA SER C 146 8.23 11.00 29.93
C SER C 146 8.77 12.13 29.06
N GLY C 147 9.33 13.14 29.70
CA GLY C 147 9.97 14.25 29.00
C GLY C 147 9.06 15.38 28.55
N VAL C 148 7.78 15.35 28.94
CA VAL C 148 6.87 16.45 28.62
C VAL C 148 6.64 17.35 29.84
N PHE C 149 6.24 16.76 30.97
CA PHE C 149 5.80 17.52 32.15
C PHE C 149 6.92 17.57 33.16
N THR C 150 7.33 18.80 33.52
CA THR C 150 8.25 19.02 34.62
C THR C 150 7.45 19.54 35.82
N ALA C 151 7.75 19.03 37.01
CA ALA C 151 6.96 19.33 38.18
C ALA C 151 7.80 19.54 39.45
N ASP C 152 7.23 20.31 40.37
CA ASP C 152 7.67 20.34 41.76
C ASP C 152 6.72 19.47 42.57
N TYR C 153 7.06 19.22 43.82
CA TYR C 153 6.14 18.54 44.74
C TYR C 153 4.91 19.40 44.99
N LEU C 154 3.72 18.84 44.80
CA LEU C 154 2.47 19.56 45.09
C LEU C 154 2.42 19.88 46.58
N ASP C 155 2.58 18.84 47.40
CA ASP C 155 2.70 18.98 48.86
C ASP C 155 3.20 17.63 49.41
N LYS C 156 4.49 17.55 49.68
CA LYS C 156 5.12 16.28 50.04
C LYS C 156 4.48 15.66 51.28
N ASP C 157 4.28 16.47 52.32
CA ASP C 157 3.65 15.99 53.56
C ASP C 157 2.26 15.40 53.32
N LYS C 158 1.46 16.05 52.48
CA LYS C 158 0.05 15.73 52.29
C LYS C 158 -0.21 14.69 51.19
N TYR C 159 0.55 14.77 50.10
CA TYR C 159 0.31 13.92 48.93
C TYR C 159 1.44 12.94 48.60
N LYS C 160 2.60 13.15 49.20
CA LYS C 160 3.80 12.36 48.90
C LYS C 160 4.20 12.56 47.43
N LEU C 161 4.37 11.49 46.66
CA LEU C 161 4.93 11.59 45.30
C LEU C 161 3.93 12.12 44.25
N VAL C 162 3.44 13.33 44.48
CA VAL C 162 2.49 13.98 43.58
C VAL C 162 3.07 15.30 43.12
N GLY C 163 2.86 15.61 41.84
CA GLY C 163 3.48 16.75 41.22
C GLY C 163 2.55 17.93 41.01
N ASN C 164 3.13 19.13 41.05
CA ASN C 164 2.51 20.36 40.60
C ASN C 164 3.27 20.75 39.33
N ILE C 165 2.58 20.79 38.20
CA ILE C 165 3.26 20.96 36.91
C ILE C 165 3.73 22.41 36.73
N LYS C 166 5.00 22.56 36.38
CA LYS C 166 5.63 23.87 36.24
C LYS C 166 5.88 24.25 34.79
N SER C 167 6.11 23.27 33.92
CA SER C 167 6.25 23.55 32.49
C SER C 167 5.92 22.33 31.64
N VAL C 168 5.57 22.61 30.39
CA VAL C 168 5.30 21.58 29.39
C VAL C 168 6.33 21.70 28.27
N THR C 169 7.12 20.66 28.06
CA THR C 169 8.08 20.62 26.96
C THR C 169 7.35 20.11 25.72
N LYS C 170 7.18 20.99 24.73
CA LYS C 170 6.38 20.71 23.55
C LYS C 170 7.05 19.84 22.51
N GLU C 171 8.39 19.86 22.47
CA GLU C 171 9.13 19.29 21.33
C GLU C 171 8.74 17.84 20.99
N PRO C 172 8.67 16.95 22.00
CA PRO C 172 8.30 15.55 21.74
C PRO C 172 6.94 15.40 21.07
N ILE C 173 6.00 16.25 21.46
CA ILE C 173 4.65 16.19 20.95
C ILE C 173 4.65 16.69 19.51
N GLU C 174 5.31 17.82 19.28
CA GLU C 174 5.41 18.41 17.94
C GLU C 174 6.18 17.50 16.99
N ALA C 175 7.24 16.86 17.48
CA ALA C 175 8.04 15.93 16.67
C ALA C 175 7.21 14.73 16.21
N SER C 176 6.40 14.19 17.12
CA SER C 176 5.53 13.05 16.80
C SER C 176 4.54 13.41 15.68
N ILE C 177 3.84 14.52 15.86
CA ILE C 177 2.89 15.01 14.87
C ILE C 177 3.60 15.25 13.52
N LYS C 178 4.70 15.99 13.55
CA LYS C 178 5.50 16.24 12.35
C LYS C 178 5.90 14.95 11.62
N ALA C 179 6.24 13.91 12.38
CA ALA C 179 6.62 12.61 11.80
C ALA C 179 5.44 11.80 11.26
N GLY C 180 4.22 12.21 11.57
CA GLY C 180 3.01 11.51 11.10
C GLY C 180 2.47 10.48 12.08
N ALA C 181 2.67 10.72 13.39
CA ALA C 181 2.21 9.79 14.44
C ALA C 181 1.42 10.55 15.50
N LEU C 182 0.30 9.96 15.94
CA LEU C 182 -0.46 10.49 17.07
C LEU C 182 0.35 10.38 18.36
N PRO C 183 0.54 11.51 19.07
CA PRO C 183 1.27 11.45 20.35
C PRO C 183 0.33 11.01 21.48
N ILE C 184 0.67 9.90 22.14
CA ILE C 184 -0.17 9.32 23.19
C ILE C 184 0.58 9.47 24.51
N LEU C 185 0.07 10.34 25.37
CA LEU C 185 0.79 10.75 26.57
C LEU C 185 0.17 10.17 27.84
N THR C 186 1.04 9.86 28.79
CA THR C 186 0.63 9.66 30.17
C THR C 186 0.70 11.02 30.85
N SER C 187 0.15 11.12 32.06
CA SER C 187 0.22 12.36 32.81
C SER C 187 1.36 12.40 33.84
N LEU C 188 2.29 11.44 33.80
CA LEU C 188 3.39 11.44 34.76
C LEU C 188 4.33 12.61 34.50
N ALA C 189 4.81 13.22 35.59
CA ALA C 189 5.74 14.34 35.53
C ALA C 189 7.06 13.92 36.17
N GLU C 190 8.09 14.76 36.01
N GLU C 190 8.08 14.77 36.00
CA GLU C 190 9.37 14.50 36.63
CA GLU C 190 9.41 14.53 36.55
C GLU C 190 9.96 15.78 37.19
C GLU C 190 9.90 15.81 37.24
N THR C 191 10.66 15.67 38.31
CA THR C 191 11.37 16.80 38.89
C THR C 191 12.65 16.96 38.08
N ALA C 192 13.31 18.10 38.23
CA ALA C 192 14.52 18.36 37.46
C ALA C 192 15.50 17.19 37.61
N SER C 193 15.67 16.73 38.85
CA SER C 193 16.63 15.67 39.19
C SER C 193 16.09 14.25 38.95
N GLY C 194 14.88 14.12 38.41
CA GLY C 194 14.42 12.85 37.86
C GLY C 194 13.60 11.95 38.75
N GLN C 195 13.03 12.49 39.83
CA GLN C 195 12.00 11.76 40.58
C GLN C 195 10.68 11.93 39.83
N MET C 196 10.13 10.81 39.36
CA MET C 196 8.83 10.83 38.73
C MET C 196 7.76 11.16 39.77
N LEU C 197 6.84 12.05 39.40
CA LEU C 197 5.73 12.43 40.27
C LEU C 197 4.41 12.15 39.58
N ASN C 198 3.44 11.70 40.36
CA ASN C 198 2.12 11.38 39.86
C ASN C 198 1.31 12.68 39.73
N VAL C 199 0.58 12.81 38.63
CA VAL C 199 -0.28 13.97 38.42
C VAL C 199 -1.61 13.48 37.89
N ASN C 200 -2.71 14.04 38.39
CA ASN C 200 -4.03 13.71 37.89
C ASN C 200 -4.11 14.04 36.39
N ALA C 201 -4.72 13.13 35.62
CA ALA C 201 -4.76 13.25 34.17
C ALA C 201 -5.62 14.42 33.70
N ASP C 202 -6.68 14.73 34.46
CA ASP C 202 -7.53 15.89 34.14
C ASP C 202 -6.71 17.19 34.23
N VAL C 203 -5.83 17.28 35.22
CA VAL C 203 -4.96 18.46 35.41
C VAL C 203 -3.88 18.55 34.33
N ALA C 204 -3.22 17.44 34.03
CA ALA C 204 -2.19 17.43 32.99
C ALA C 204 -2.76 17.79 31.62
N ALA C 205 -3.95 17.28 31.31
CA ALA C 205 -4.62 17.62 30.05
C ALA C 205 -4.90 19.10 29.97
N GLY C 206 -5.35 19.68 31.08
CA GLY C 206 -5.52 21.13 31.19
C GLY C 206 -4.22 21.90 30.94
N GLU C 207 -3.10 21.39 31.45
CA GLU C 207 -1.81 22.03 31.25
C GLU C 207 -1.37 21.97 29.78
N LEU C 208 -1.69 20.89 29.08
CA LEU C 208 -1.44 20.81 27.64
C LEU C 208 -2.28 21.81 26.86
N ALA C 209 -3.57 21.87 27.19
CA ALA C 209 -4.49 22.79 26.51
C ALA C 209 -4.08 24.25 26.70
N ARG C 210 -3.49 24.57 27.86
CA ARG C 210 -3.04 25.92 28.14
C ARG C 210 -1.98 26.38 27.14
N VAL C 211 -1.00 25.53 26.87
CA VAL C 211 0.13 25.93 26.03
C VAL C 211 -0.05 25.64 24.55
N PHE C 212 -0.95 24.73 24.19
CA PHE C 212 -1.19 24.45 22.78
C PHE C 212 -2.36 25.27 22.21
N GLU C 213 -3.22 25.77 23.09
CA GLU C 213 -4.39 26.54 22.69
C GLU C 213 -5.05 25.94 21.47
N PRO C 214 -5.55 24.69 21.61
CA PRO C 214 -6.10 23.96 20.48
C PRO C 214 -7.49 24.48 20.10
N LEU C 215 -8.01 24.01 18.97
CA LEU C 215 -9.34 24.38 18.53
C LEU C 215 -10.40 23.68 19.40
N LYS C 216 -10.11 22.43 19.76
CA LYS C 216 -11.05 21.60 20.51
C LYS C 216 -10.39 21.03 21.77
N ILE C 217 -11.12 21.07 22.88
CA ILE C 217 -10.68 20.47 24.14
C ILE C 217 -11.76 19.49 24.60
N VAL C 218 -11.42 18.20 24.63
CA VAL C 218 -12.37 17.16 24.91
C VAL C 218 -11.90 16.27 26.05
N TYR C 219 -12.79 16.05 27.02
CA TYR C 219 -12.59 15.06 28.08
C TYR C 219 -13.52 13.90 27.83
N LEU C 220 -12.98 12.71 27.64
CA LEU C 220 -13.80 11.53 27.40
C LEU C 220 -13.99 10.76 28.70
N ASN C 221 -15.25 10.46 29.03
CA ASN C 221 -15.56 9.59 30.16
C ASN C 221 -16.69 8.62 29.81
N GLU C 222 -16.95 7.66 30.69
CA GLU C 222 -17.93 6.61 30.39
C GLU C 222 -19.37 7.08 30.66
N LYS C 223 -19.53 7.94 31.67
CA LYS C 223 -20.83 8.53 32.01
C LYS C 223 -21.39 9.39 30.87
N GLY C 224 -20.50 9.96 30.07
CA GLY C 224 -20.89 10.81 28.96
C GLY C 224 -21.18 12.22 29.39
N GLY C 225 -20.40 12.73 30.35
CA GLY C 225 -20.57 14.09 30.84
C GLY C 225 -20.53 14.19 32.36
N ILE C 226 -21.17 15.22 32.89
CA ILE C 226 -21.33 15.39 34.33
C ILE C 226 -22.81 15.26 34.68
N ILE C 227 -23.09 14.50 35.74
CA ILE C 227 -24.45 14.29 36.22
C ILE C 227 -24.76 15.19 37.41
N ASN C 228 -25.88 15.90 37.33
CA ASN C 228 -26.38 16.61 38.50
C ASN C 228 -26.91 15.58 39.47
N GLY C 229 -26.18 15.38 40.55
CA GLY C 229 -26.50 14.38 41.57
C GLY C 229 -27.85 14.55 42.26
N SER C 230 -28.31 15.78 42.42
CA SER C 230 -29.60 16.02 43.10
C SER C 230 -30.81 15.75 42.21
N THR C 231 -30.75 16.18 40.95
CA THR C 231 -31.85 15.98 40.00
C THR C 231 -31.76 14.64 39.29
N GLY C 232 -30.56 14.08 39.25
CA GLY C 232 -30.32 12.80 38.58
C GLY C 232 -30.30 12.92 37.07
N GLU C 233 -29.96 14.11 36.57
CA GLU C 233 -29.98 14.38 35.14
C GLU C 233 -28.61 14.87 34.67
N LYS C 234 -28.24 14.45 33.45
CA LYS C 234 -27.01 14.91 32.79
C LYS C 234 -27.08 16.44 32.61
N ILE C 235 -25.97 17.12 32.86
CA ILE C 235 -25.91 18.58 32.67
C ILE C 235 -25.41 18.89 31.26
N SER C 236 -26.18 19.62 30.47
CA SER C 236 -25.79 19.83 29.07
C SER C 236 -24.81 21.00 28.90
N MET C 237 -25.01 22.08 29.66
CA MET C 237 -24.16 23.26 29.55
C MET C 237 -23.88 23.87 30.92
N ILE C 238 -22.64 24.31 31.12
CA ILE C 238 -22.24 25.04 32.31
C ILE C 238 -21.64 26.40 31.88
N ASN C 239 -22.31 27.49 32.27
CA ASN C 239 -21.80 28.85 32.14
C ASN C 239 -21.05 29.17 33.44
N LEU C 240 -19.72 29.15 33.40
CA LEU C 240 -18.90 29.19 34.62
C LEU C 240 -18.96 30.52 35.38
N ASP C 241 -18.86 31.64 34.67
CA ASP C 241 -18.95 32.96 35.31
C ASP C 241 -20.23 33.11 36.13
N GLU C 242 -21.32 32.54 35.63
CA GLU C 242 -22.61 32.57 36.34
C GLU C 242 -22.67 31.52 37.45
N GLU C 243 -22.21 30.31 37.13
CA GLU C 243 -22.56 29.12 37.90
C GLU C 243 -21.46 28.53 38.77
N TYR C 244 -20.20 28.86 38.51
CA TYR C 244 -19.08 28.14 39.13
C TYR C 244 -19.16 28.10 40.64
N ASP C 245 -19.28 29.26 41.28
CA ASP C 245 -19.24 29.34 42.75
C ASP C 245 -20.31 28.48 43.41
N ASP C 246 -21.54 28.56 42.92
CA ASP C 246 -22.63 27.76 43.48
C ASP C 246 -22.47 26.28 43.15
N LEU C 247 -21.91 25.99 41.98
CA LEU C 247 -21.66 24.60 41.58
C LEU C 247 -20.70 23.93 42.57
N MET C 248 -19.64 24.64 42.96
CA MET C 248 -18.62 24.09 43.86
C MET C 248 -19.11 23.89 45.30
N LYS C 249 -20.26 24.49 45.64
CA LYS C 249 -20.87 24.31 46.96
C LYS C 249 -21.82 23.11 47.02
N GLN C 250 -22.12 22.49 45.87
CA GLN C 250 -23.05 21.35 45.83
C GLN C 250 -22.40 20.06 46.35
N SER C 251 -23.19 19.28 47.09
CA SER C 251 -22.75 18.03 47.72
C SER C 251 -22.32 16.97 46.71
N TRP C 252 -22.95 16.99 45.52
CA TRP C 252 -22.65 16.00 44.48
C TRP C 252 -21.43 16.33 43.62
N VAL C 253 -20.80 17.49 43.84
CA VAL C 253 -19.51 17.78 43.19
C VAL C 253 -18.37 17.59 44.20
N LYS C 254 -17.79 16.39 44.17
CA LYS C 254 -16.68 16.04 45.04
C LYS C 254 -15.70 15.22 44.23
N TYR C 255 -14.62 14.78 44.86
CA TYR C 255 -13.70 13.81 44.27
C TYR C 255 -13.20 14.32 42.91
N GLY C 256 -13.23 13.48 41.89
CA GLY C 256 -12.74 13.82 40.56
C GLY C 256 -13.52 14.92 39.86
N THR C 257 -14.85 14.93 40.04
CA THR C 257 -15.70 15.91 39.36
C THR C 257 -15.36 17.33 39.81
N LYS C 258 -15.21 17.53 41.12
CA LYS C 258 -14.78 18.82 41.66
C LYS C 258 -13.42 19.23 41.07
N LEU C 259 -12.46 18.30 41.08
CA LEU C 259 -11.12 18.55 40.56
C LEU C 259 -11.17 18.95 39.09
N LYS C 260 -11.94 18.18 38.31
CA LYS C 260 -12.13 18.42 36.89
C LYS C 260 -12.73 19.80 36.62
N ILE C 261 -13.83 20.11 37.29
CA ILE C 261 -14.51 21.37 37.08
C ILE C 261 -13.61 22.55 37.44
N ARG C 262 -12.85 22.43 38.52
CA ARG C 262 -11.94 23.48 38.93
C ARG C 262 -10.81 23.68 37.91
N GLU C 263 -10.19 22.58 37.47
CA GLU C 263 -9.13 22.66 36.45
C GLU C 263 -9.64 23.29 35.15
N ILE C 264 -10.85 22.91 34.74
CA ILE C 264 -11.46 23.50 33.54
C ILE C 264 -11.75 24.98 33.73
N LYS C 265 -12.22 25.37 34.92
CA LYS C 265 -12.46 26.79 35.21
C LYS C 265 -11.19 27.63 35.10
N GLU C 266 -10.09 27.12 35.66
CA GLU C 266 -8.81 27.83 35.62
C GLU C 266 -8.24 27.88 34.21
N LEU C 267 -8.49 26.83 33.43
CA LEU C 267 -8.06 26.76 32.03
C LEU C 267 -8.77 27.81 31.19
N LEU C 268 -10.08 27.91 31.35
CA LEU C 268 -10.90 28.83 30.56
C LEU C 268 -10.74 30.29 31.00
N ASP C 269 -10.19 30.51 32.19
CA ASP C 269 -9.75 31.84 32.60
C ASP C 269 -8.55 32.28 31.76
N TYR C 270 -7.64 31.34 31.47
CA TYR C 270 -6.43 31.63 30.70
C TYR C 270 -6.71 31.69 29.19
N LEU C 271 -7.56 30.80 28.70
CA LEU C 271 -7.87 30.76 27.26
C LEU C 271 -8.88 31.86 26.89
N PRO C 272 -8.92 32.23 25.60
CA PRO C 272 -9.91 33.22 25.14
C PRO C 272 -11.34 32.74 25.32
N ARG C 273 -12.29 33.66 25.29
CA ARG C 273 -13.70 33.33 25.57
C ARG C 273 -14.34 32.46 24.47
N SER C 274 -13.71 32.39 23.31
CA SER C 274 -14.16 31.53 22.22
C SER C 274 -13.96 30.03 22.50
N SER C 275 -13.07 29.71 23.44
CA SER C 275 -12.77 28.32 23.78
C SER C 275 -13.84 27.72 24.67
N SER C 276 -13.97 26.40 24.59
CA SER C 276 -14.89 25.65 25.43
C SER C 276 -14.34 24.24 25.63
N VAL C 277 -14.90 23.54 26.61
CA VAL C 277 -14.49 22.17 26.91
C VAL C 277 -15.70 21.26 26.87
N ALA C 278 -15.57 20.14 26.17
CA ALA C 278 -16.64 19.13 26.13
C ALA C 278 -16.25 17.93 26.98
N ILE C 279 -17.21 17.44 27.78
CA ILE C 279 -17.07 16.18 28.51
C ILE C 279 -18.12 15.24 27.94
N ILE C 280 -17.70 14.13 27.33
CA ILE C 280 -18.59 13.28 26.53
C ILE C 280 -18.11 11.83 26.46
N ASN C 281 -19.02 10.93 26.05
CA ASN C 281 -18.69 9.55 25.73
C ASN C 281 -18.07 9.51 24.34
N VAL C 282 -17.16 8.56 24.13
CA VAL C 282 -16.44 8.42 22.87
C VAL C 282 -17.37 8.16 21.67
N GLN C 283 -18.52 7.52 21.90
CA GLN C 283 -19.47 7.26 20.82
C GLN C 283 -20.11 8.55 20.26
N ASP C 284 -20.05 9.64 21.00
CA ASP C 284 -20.68 10.90 20.59
C ASP C 284 -19.65 11.96 20.18
N LEU C 285 -18.40 11.56 20.01
CA LEU C 285 -17.32 12.53 19.78
C LEU C 285 -17.35 13.12 18.37
N GLN C 286 -17.43 12.28 17.35
CA GLN C 286 -17.39 12.76 15.97
C GLN C 286 -18.46 13.84 15.75
N LYS C 287 -19.72 13.50 16.06
CA LYS C 287 -20.83 14.45 15.93
C LYS C 287 -20.62 15.71 16.77
N GLU C 288 -19.98 15.55 17.93
CA GLU C 288 -19.66 16.68 18.82
C GLU C 288 -18.64 17.64 18.20
N LEU C 289 -17.54 17.10 17.70
CA LEU C 289 -16.47 17.91 17.12
C LEU C 289 -16.90 18.64 15.84
N PHE C 290 -17.56 17.92 14.95
CA PHE C 290 -17.77 18.38 13.60
C PHE C 290 -19.14 19.01 13.35
N THR C 291 -20.19 18.47 13.97
CA THR C 291 -21.57 18.90 13.66
C THR C 291 -22.39 19.44 14.87
N ASP C 292 -21.71 19.93 15.91
CA ASP C 292 -22.35 20.71 16.98
C ASP C 292 -23.55 20.03 17.67
N SER C 293 -23.37 18.75 18.06
CA SER C 293 -24.49 17.90 18.50
C SER C 293 -25.20 18.33 19.79
N GLY C 294 -24.43 18.81 20.77
CA GLY C 294 -24.99 19.16 22.07
C GLY C 294 -25.10 17.99 23.04
N ALA C 295 -24.47 16.87 22.71
CA ALA C 295 -24.38 15.72 23.61
C ALA C 295 -23.31 15.99 24.67
N GLY C 296 -23.36 15.23 25.76
CA GLY C 296 -22.43 15.41 26.88
C GLY C 296 -22.59 16.74 27.60
N THR C 297 -21.54 17.17 28.27
CA THR C 297 -21.55 18.43 29.04
C THR C 297 -20.57 19.43 28.43
N MET C 298 -21.09 20.55 27.95
CA MET C 298 -20.25 21.63 27.42
C MET C 298 -19.99 22.63 28.54
N ILE C 299 -18.74 23.07 28.66
CA ILE C 299 -18.36 24.03 29.69
C ILE C 299 -17.63 25.19 29.06
N ARG C 300 -17.98 26.40 29.47
CA ARG C 300 -17.37 27.62 28.96
C ARG C 300 -17.43 28.76 29.99
N ARG C 301 -16.77 29.86 29.67
CA ARG C 301 -16.78 31.07 30.50
C ARG C 301 -18.20 31.61 30.64
N GLY C 302 -18.80 31.97 29.51
CA GLY C 302 -20.10 32.62 29.49
C GLY C 302 -20.05 34.05 30.01
N TYR C 303 -20.94 34.38 30.94
CA TYR C 303 -21.01 35.72 31.56
C TYR C 303 -22.08 35.74 32.66
N GLY D 14 2.30 -4.74 2.91
CA GLY D 14 2.88 -3.36 2.88
C GLY D 14 4.30 -3.31 2.32
N PHE D 15 5.17 -4.20 2.77
CA PHE D 15 6.60 -4.14 2.44
C PHE D 15 6.86 -4.08 0.94
N SER D 16 7.68 -3.11 0.53
CA SER D 16 8.25 -3.09 -0.80
C SER D 16 9.63 -2.46 -0.71
N ALA D 17 10.51 -2.88 -1.61
CA ALA D 17 11.87 -2.37 -1.66
C ALA D 17 12.11 -1.76 -3.04
N THR D 18 12.75 -0.61 -3.07
CA THR D 18 13.14 0.05 -4.31
C THR D 18 14.33 -0.67 -4.94
N ARG D 19 14.65 -0.25 -6.16
CA ARG D 19 15.80 -0.78 -6.90
C ARG D 19 17.11 -0.58 -6.14
N SER D 20 17.35 0.65 -5.67
CA SER D 20 18.61 0.94 -4.99
C SER D 20 18.75 0.20 -3.65
N THR D 21 17.63 -0.04 -2.96
CA THR D 21 17.62 -0.86 -1.74
C THR D 21 18.06 -2.29 -2.07
N VAL D 22 17.49 -2.86 -3.13
CA VAL D 22 17.83 -4.22 -3.52
C VAL D 22 19.27 -4.31 -4.02
N ILE D 23 19.71 -3.32 -4.78
CA ILE D 23 21.09 -3.28 -5.24
C ILE D 23 22.06 -3.30 -4.05
N GLN D 24 21.76 -2.51 -3.01
N GLN D 24 21.77 -2.53 -3.00
CA GLN D 24 22.62 -2.44 -1.82
CA GLN D 24 22.66 -2.46 -1.85
C GLN D 24 22.60 -3.74 -1.01
C GLN D 24 22.59 -3.72 -0.98
N LEU D 25 21.44 -4.39 -0.95
CA LEU D 25 21.33 -5.72 -0.34
C LEU D 25 22.22 -6.73 -1.08
N LEU D 26 22.13 -6.74 -2.41
CA LEU D 26 22.94 -7.65 -3.21
C LEU D 26 24.44 -7.41 -3.00
N ASN D 27 24.83 -6.14 -2.95
CA ASN D 27 26.22 -5.77 -2.67
C ASN D 27 26.71 -6.26 -1.31
N ASN D 28 25.79 -6.62 -0.41
CA ASN D 28 26.17 -7.10 0.91
C ASN D 28 26.24 -8.62 1.04
N ILE D 29 25.64 -9.34 0.10
CA ILE D 29 25.57 -10.80 0.14
C ILE D 29 26.39 -11.42 -0.99
N SER D 30 27.17 -12.44 -0.67
CA SER D 30 27.94 -13.14 -1.70
C SER D 30 28.15 -14.65 -1.47
N THR D 31 27.52 -15.20 -0.42
CA THR D 31 27.56 -16.63 -0.14
C THR D 31 26.15 -17.14 0.20
N LYS D 32 25.97 -18.44 0.11
CA LYS D 32 24.72 -19.09 0.50
C LYS D 32 24.43 -18.89 1.99
N ARG D 33 25.48 -19.01 2.82
CA ARG D 33 25.31 -18.82 4.26
C ARG D 33 24.71 -17.44 4.56
N GLU D 34 25.24 -16.41 3.91
CA GLU D 34 24.75 -15.03 4.09
C GLU D 34 23.30 -14.87 3.65
N VAL D 35 22.91 -15.54 2.56
CA VAL D 35 21.53 -15.50 2.09
C VAL D 35 20.60 -16.11 3.13
N GLU D 36 20.97 -17.29 3.65
CA GLU D 36 20.11 -18.00 4.60
C GLU D 36 20.00 -17.25 5.92
N GLN D 37 21.09 -16.62 6.34
CA GLN D 37 21.06 -15.77 7.54
C GLN D 37 20.10 -14.59 7.36
N TYR D 38 20.23 -13.86 6.27
CA TYR D 38 19.31 -12.75 5.99
C TYR D 38 17.87 -13.24 5.93
N LEU D 39 17.62 -14.32 5.20
CA LEU D 39 16.26 -14.82 5.03
C LEU D 39 15.63 -15.27 6.34
N LYS D 40 16.44 -15.85 7.23
CA LYS D 40 15.97 -16.26 8.54
C LYS D 40 15.40 -15.07 9.32
N TYR D 41 16.11 -13.95 9.31
CA TYR D 41 15.66 -12.79 10.09
C TYR D 41 14.64 -11.93 9.35
N PHE D 42 14.72 -11.92 8.03
CA PHE D 42 13.74 -11.23 7.19
C PHE D 42 12.34 -11.83 7.38
N THR D 43 12.26 -13.15 7.48
CA THR D 43 10.97 -13.85 7.46
C THR D 43 10.49 -14.31 8.85
N SER D 44 11.13 -13.84 9.91
CA SER D 44 10.85 -14.34 11.26
C SER D 44 9.44 -13.99 11.79
N VAL D 45 8.75 -15.00 12.31
CA VAL D 45 7.48 -14.81 13.01
C VAL D 45 7.63 -15.08 14.52
N SER D 46 8.88 -15.10 15.00
CA SER D 46 9.19 -15.40 16.40
C SER D 46 9.76 -14.16 17.10
N GLN D 47 10.16 -14.32 18.37
CA GLN D 47 10.75 -13.24 19.15
C GLN D 47 12.29 -13.19 19.07
N GLN D 48 12.88 -13.98 18.17
CA GLN D 48 14.32 -13.94 17.95
C GLN D 48 14.72 -12.55 17.49
N GLN D 49 15.88 -12.08 17.94
CA GLN D 49 16.34 -10.76 17.59
C GLN D 49 17.58 -10.82 16.73
N PHE D 50 17.63 -9.92 15.75
CA PHE D 50 18.73 -9.83 14.83
C PHE D 50 19.94 -9.17 15.48
N ALA D 51 19.72 -8.01 16.12
CA ALA D 51 20.83 -7.19 16.59
C ALA D 51 20.48 -6.26 17.75
N VAL D 52 21.41 -6.15 18.69
CA VAL D 52 21.48 -5.03 19.60
C VAL D 52 22.69 -4.21 19.18
N ILE D 53 22.43 -2.95 18.82
CA ILE D 53 23.44 -2.01 18.38
C ILE D 53 23.54 -0.86 19.38
N LYS D 54 24.69 -0.73 20.04
CA LYS D 54 24.96 0.39 20.94
C LYS D 54 25.64 1.49 20.15
N VAL D 55 25.10 2.70 20.24
CA VAL D 55 25.65 3.85 19.53
C VAL D 55 26.33 4.81 20.50
N GLY D 56 27.62 5.05 20.29
CA GLY D 56 28.34 6.09 21.02
C GLY D 56 27.69 7.45 20.84
N GLY D 57 27.55 8.16 21.95
CA GLY D 57 26.92 9.48 21.94
C GLY D 57 27.52 10.41 20.91
N ALA D 58 28.85 10.40 20.81
CA ALA D 58 29.55 11.31 19.90
C ALA D 58 29.09 11.18 18.45
N ILE D 59 28.71 9.97 18.04
CA ILE D 59 28.33 9.71 16.65
C ILE D 59 27.09 10.51 16.24
N ILE D 60 26.20 10.74 17.20
CA ILE D 60 24.99 11.53 16.98
C ILE D 60 25.33 13.00 16.75
N SER D 61 26.38 13.50 17.41
CA SER D 61 26.90 14.87 17.18
C SER D 61 27.77 14.97 15.93
N ASP D 62 28.57 13.94 15.71
CA ASP D 62 29.71 14.00 14.79
C ASP D 62 29.45 13.43 13.40
N ASN D 63 28.54 12.46 13.28
CA ASN D 63 28.38 11.70 12.05
C ASN D 63 26.98 11.11 11.90
N LEU D 64 25.97 11.93 12.19
CA LEU D 64 24.58 11.46 12.28
C LEU D 64 24.03 10.93 10.96
N HIS D 65 24.31 11.62 9.86
CA HIS D 65 23.73 11.24 8.59
C HIS D 65 24.17 9.84 8.14
N GLU D 66 25.46 9.53 8.28
CA GLU D 66 25.95 8.20 7.96
C GLU D 66 25.28 7.16 8.86
N LEU D 67 25.25 7.44 10.16
CA LEU D 67 24.59 6.54 11.10
C LEU D 67 23.14 6.28 10.68
N ALA D 68 22.40 7.36 10.45
CA ALA D 68 20.98 7.28 10.09
C ALA D 68 20.76 6.56 8.77
N SER D 69 21.63 6.79 7.80
CA SER D 69 21.54 6.10 6.50
C SER D 69 21.77 4.60 6.62
N CYS D 70 22.78 4.20 7.40
N CYS D 70 22.75 4.20 7.42
CA CYS D 70 23.08 2.79 7.62
CA CYS D 70 23.04 2.80 7.60
C CYS D 70 21.91 2.09 8.31
C CYS D 70 21.89 2.08 8.30
N LEU D 71 21.31 2.74 9.31
CA LEU D 71 20.14 2.18 10.00
C LEU D 71 18.91 2.13 9.09
N ALA D 72 18.75 3.14 8.25
CA ALA D 72 17.67 3.17 7.28
C ALA D 72 17.77 1.99 6.28
N PHE D 73 18.97 1.67 5.83
CA PHE D 73 19.11 0.55 4.91
C PHE D 73 18.63 -0.74 5.57
N LEU D 74 19.00 -0.97 6.81
CA LEU D 74 18.56 -2.18 7.53
C LEU D 74 17.03 -2.24 7.61
N TYR D 75 16.43 -1.11 7.97
CA TYR D 75 14.98 -1.00 8.01
C TYR D 75 14.37 -1.30 6.64
N HIS D 76 14.98 -0.79 5.58
CA HIS D 76 14.43 -0.96 4.23
C HIS D 76 14.57 -2.37 3.68
N VAL D 77 15.45 -3.18 4.28
CA VAL D 77 15.50 -4.61 3.95
C VAL D 77 14.78 -5.47 5.01
N GLY D 78 13.91 -4.84 5.79
CA GLY D 78 13.02 -5.57 6.69
C GLY D 78 13.69 -6.11 7.95
N LEU D 79 14.80 -5.49 8.36
CA LEU D 79 15.51 -5.88 9.58
C LEU D 79 15.33 -4.80 10.65
N TYR D 80 15.10 -5.25 11.89
CA TYR D 80 14.70 -4.34 12.94
C TYR D 80 15.66 -4.43 14.13
N PRO D 81 16.84 -3.81 14.00
CA PRO D 81 17.76 -3.77 15.12
C PRO D 81 17.22 -3.00 16.31
N ILE D 82 17.60 -3.41 17.52
CA ILE D 82 17.32 -2.68 18.74
C ILE D 82 18.49 -1.73 18.93
N VAL D 83 18.20 -0.44 18.94
CA VAL D 83 19.24 0.59 19.00
C VAL D 83 19.22 1.29 20.36
N LEU D 84 20.36 1.25 21.05
CA LEU D 84 20.54 2.00 22.28
C LEU D 84 21.71 2.94 22.08
N HIS D 85 21.53 4.20 22.46
CA HIS D 85 22.58 5.19 22.28
C HIS D 85 23.00 5.82 23.61
N GLY D 86 24.22 6.35 23.63
CA GLY D 86 24.72 7.13 24.75
C GLY D 86 24.57 8.62 24.53
N THR D 87 25.20 9.38 25.40
CA THR D 87 25.22 10.84 25.32
C THR D 87 26.35 11.47 26.15
N GLY D 88 27.33 10.67 26.58
CA GLY D 88 28.41 11.14 27.43
C GLY D 88 29.11 12.42 26.99
N PRO D 89 29.59 12.44 25.74
CA PRO D 89 30.38 13.61 25.33
C PRO D 89 29.56 14.93 25.28
N GLN D 90 28.28 14.83 24.92
CA GLN D 90 27.37 15.99 24.91
C GLN D 90 27.16 16.54 26.32
N VAL D 91 27.04 15.63 27.29
CA VAL D 91 26.91 15.97 28.69
C VAL D 91 28.17 16.70 29.19
N ASN D 92 29.34 16.14 28.88
CA ASN D 92 30.60 16.77 29.27
C ASN D 92 30.73 18.18 28.71
N GLY D 93 30.38 18.35 27.44
CA GLY D 93 30.38 19.68 26.82
C GLY D 93 29.47 20.65 27.55
N ARG D 94 28.31 20.16 27.96
CA ARG D 94 27.30 20.98 28.63
C ARG D 94 27.78 21.37 30.03
N LEU D 95 28.38 20.42 30.72
CA LEU D 95 28.94 20.68 32.04
C LEU D 95 30.06 21.71 31.92
N GLU D 96 30.95 21.52 30.95
CA GLU D 96 32.08 22.44 30.75
C GLU D 96 31.60 23.82 30.32
N ALA D 97 30.54 23.88 29.53
CA ALA D 97 29.89 25.17 29.19
C ALA D 97 29.39 25.91 30.45
N GLN D 98 29.08 25.16 31.51
CA GLN D 98 28.61 25.72 32.78
C GLN D 98 29.75 25.91 33.80
N GLY D 99 31.00 25.67 33.39
CA GLY D 99 32.14 25.76 34.30
C GLY D 99 32.19 24.62 35.31
N ILE D 100 31.60 23.47 34.96
CA ILE D 100 31.62 22.30 35.83
C ILE D 100 32.53 21.23 35.23
N GLU D 101 33.41 20.67 36.05
CA GLU D 101 34.33 19.63 35.62
C GLU D 101 33.59 18.27 35.64
N PRO D 102 33.65 17.51 34.53
CA PRO D 102 33.10 16.15 34.54
C PRO D 102 33.77 15.27 35.59
N ASP D 103 32.97 14.43 36.26
CA ASP D 103 33.43 13.68 37.42
C ASP D 103 33.16 12.19 37.23
N TYR D 104 34.24 11.41 37.06
CA TYR D 104 34.15 9.98 36.83
C TYR D 104 34.99 9.19 37.83
N ILE D 105 34.54 7.97 38.15
CA ILE D 105 35.36 6.98 38.86
C ILE D 105 35.04 5.61 38.28
N ASP D 106 36.08 4.82 38.01
CA ASP D 106 35.95 3.49 37.39
C ASP D 106 35.14 3.53 36.09
N GLY D 107 35.29 4.59 35.31
CA GLY D 107 34.57 4.75 34.05
C GLY D 107 33.10 5.14 34.18
N ILE D 108 32.63 5.29 35.42
CA ILE D 108 31.23 5.61 35.70
C ILE D 108 31.10 7.07 36.11
N ARG D 109 30.12 7.78 35.57
CA ARG D 109 29.90 9.18 35.92
C ARG D 109 29.27 9.32 37.30
N ILE D 110 29.95 10.08 38.16
CA ILE D 110 29.38 10.48 39.44
C ILE D 110 28.27 11.48 39.11
N THR D 111 27.05 11.18 39.53
CA THR D 111 25.86 11.90 39.06
C THR D 111 25.03 12.45 40.23
N ASP D 112 25.36 13.67 40.67
CA ASP D 112 24.52 14.37 41.65
C ASP D 112 23.25 14.90 40.96
N GLU D 113 22.40 15.57 41.73
CA GLU D 113 21.09 16.02 41.23
C GLU D 113 21.21 16.93 40.00
N HIS D 114 22.06 17.94 40.08
CA HIS D 114 22.24 18.87 38.96
C HIS D 114 22.76 18.15 37.72
N THR D 115 23.71 17.24 37.89
CA THR D 115 24.25 16.47 36.78
C THR D 115 23.18 15.56 36.16
N MET D 116 22.29 15.01 36.98
CA MET D 116 21.20 14.17 36.49
C MET D 116 20.25 14.97 35.62
N ALA D 117 19.98 16.22 36.02
CA ALA D 117 19.14 17.10 35.20
C ALA D 117 19.78 17.30 33.82
N VAL D 118 21.10 17.53 33.79
CA VAL D 118 21.84 17.71 32.54
C VAL D 118 21.84 16.43 31.69
N VAL D 119 22.16 15.29 32.32
CA VAL D 119 22.15 14.00 31.63
C VAL D 119 20.77 13.70 30.99
N ARG D 120 19.71 13.87 31.78
CA ARG D 120 18.34 13.61 31.33
C ARG D 120 18.00 14.43 30.09
N LYS D 121 18.22 15.74 30.19
CA LYS D 121 17.96 16.67 29.09
C LYS D 121 18.76 16.33 27.82
N CYS D 122 20.05 16.06 27.99
N CYS D 122 20.02 16.00 27.99
CA CYS D 122 20.94 15.68 26.88
CA CYS D 122 20.88 15.74 26.84
C CYS D 122 20.47 14.38 26.22
C CYS D 122 20.62 14.34 26.23
N PHE D 123 20.18 13.38 27.05
CA PHE D 123 19.72 12.07 26.55
C PHE D 123 18.48 12.22 25.69
N LEU D 124 17.50 12.96 26.19
CA LEU D 124 16.24 13.18 25.46
C LEU D 124 16.49 13.93 24.16
N GLU D 125 17.42 14.88 24.19
CA GLU D 125 17.80 15.64 23.00
C GLU D 125 18.45 14.76 21.93
N GLN D 126 19.47 14.00 22.31
CA GLN D 126 20.14 13.05 21.42
C GLN D 126 19.19 12.00 20.88
N ASN D 127 18.34 11.49 21.75
CA ASN D 127 17.33 10.53 21.35
C ASN D 127 16.43 11.08 20.24
N LEU D 128 15.83 12.24 20.47
CA LEU D 128 14.95 12.86 19.47
C LEU D 128 15.72 13.27 18.19
N LYS D 129 17.01 13.59 18.34
CA LYS D 129 17.84 13.92 17.18
C LYS D 129 17.96 12.70 16.23
N LEU D 130 18.21 11.53 16.81
CA LEU D 130 18.39 10.30 16.06
C LEU D 130 17.08 9.81 15.46
N VAL D 131 16.02 9.81 16.26
CA VAL D 131 14.71 9.41 15.81
C VAL D 131 14.24 10.27 14.63
N THR D 132 14.42 11.59 14.74
CA THR D 132 14.02 12.51 13.69
C THR D 132 14.85 12.32 12.40
N ALA D 133 16.15 12.13 12.54
CA ALA D 133 17.01 11.83 11.38
C ALA D 133 16.55 10.54 10.67
N LEU D 134 16.16 9.53 11.46
CA LEU D 134 15.61 8.31 10.87
C LEU D 134 14.29 8.59 10.15
N GLU D 135 13.39 9.33 10.78
CA GLU D 135 12.08 9.61 10.19
C GLU D 135 12.22 10.40 8.89
N GLN D 136 13.20 11.29 8.81
CA GLN D 136 13.44 12.07 7.61
C GLN D 136 13.84 11.18 6.43
N LEU D 137 14.41 10.01 6.73
CA LEU D 137 14.79 9.05 5.69
C LEU D 137 13.71 8.01 5.40
N GLY D 138 12.48 8.24 5.87
CA GLY D 138 11.37 7.29 5.68
C GLY D 138 11.36 6.09 6.64
N VAL D 139 12.13 6.17 7.72
CA VAL D 139 12.20 5.09 8.70
C VAL D 139 11.27 5.40 9.87
N ARG D 140 10.40 4.46 10.21
CA ARG D 140 9.60 4.59 11.43
C ARG D 140 10.50 4.25 12.61
N ALA D 141 10.58 5.18 13.55
CA ALA D 141 11.45 5.03 14.71
C ALA D 141 10.69 5.49 15.92
N ARG D 142 10.83 4.75 17.01
CA ARG D 142 10.06 5.00 18.21
C ARG D 142 11.00 5.36 19.35
N PRO D 143 10.88 6.59 19.89
CA PRO D 143 11.66 6.91 21.06
C PRO D 143 11.18 6.06 22.24
N ILE D 144 12.10 5.37 22.89
CA ILE D 144 11.80 4.65 24.12
C ILE D 144 12.78 5.15 25.18
N THR D 145 12.34 6.13 25.95
CA THR D 145 13.18 6.84 26.89
C THR D 145 13.02 6.36 28.32
N SER D 146 12.01 5.52 28.57
CA SER D 146 11.82 4.95 29.90
C SER D 146 10.93 3.71 29.84
N GLY D 147 10.80 3.03 30.97
CA GLY D 147 9.95 1.84 31.07
C GLY D 147 10.62 0.54 30.64
N VAL D 148 11.92 0.60 30.34
CA VAL D 148 12.66 -0.61 29.95
C VAL D 148 13.55 -1.11 31.08
N PHE D 149 14.35 -0.21 31.67
CA PHE D 149 15.34 -0.60 32.66
C PHE D 149 14.88 -0.27 34.09
N THR D 150 14.79 -1.31 34.93
CA THR D 150 14.57 -1.12 36.36
C THR D 150 15.90 -1.32 37.07
N ALA D 151 16.20 -0.45 38.04
CA ALA D 151 17.49 -0.44 38.72
C ALA D 151 17.40 -0.13 40.22
N ASP D 152 18.40 -0.63 40.95
CA ASP D 152 18.69 -0.18 42.30
C ASP D 152 19.82 0.85 42.24
N TYR D 153 20.22 1.38 43.39
CA TYR D 153 21.40 2.22 43.46
C TYR D 153 22.64 1.35 43.35
N LEU D 154 23.55 1.70 42.45
CA LEU D 154 24.82 0.99 42.34
C LEU D 154 25.62 1.14 43.64
N ASP D 155 25.81 2.40 44.05
CA ASP D 155 26.51 2.75 45.29
C ASP D 155 26.30 4.24 45.52
N LYS D 156 25.34 4.58 46.37
CA LYS D 156 24.86 5.96 46.49
C LYS D 156 25.90 6.92 47.05
N ASP D 157 26.70 6.45 48.00
CA ASP D 157 27.78 7.27 48.57
C ASP D 157 28.86 7.62 47.56
N LYS D 158 29.20 6.65 46.71
CA LYS D 158 30.31 6.80 45.76
C LYS D 158 29.86 7.47 44.45
N TYR D 159 28.77 6.99 43.88
CA TYR D 159 28.33 7.44 42.56
C TYR D 159 27.10 8.36 42.53
N LYS D 160 26.38 8.44 43.65
CA LYS D 160 25.09 9.15 43.75
C LYS D 160 24.00 8.53 42.83
N LEU D 161 23.37 9.31 41.97
CA LEU D 161 22.22 8.86 41.17
C LEU D 161 22.64 7.98 39.98
N VAL D 162 23.29 6.86 40.30
CA VAL D 162 23.73 5.90 39.30
C VAL D 162 23.10 4.55 39.63
N GLY D 163 22.68 3.85 38.58
CA GLY D 163 21.86 2.65 38.72
C GLY D 163 22.62 1.37 38.45
N ASN D 164 22.18 0.31 39.14
CA ASN D 164 22.59 -1.06 38.87
C ASN D 164 21.34 -1.75 38.36
N ILE D 165 21.34 -2.14 37.08
CA ILE D 165 20.14 -2.67 36.43
C ILE D 165 19.77 -4.05 36.98
N LYS D 166 18.52 -4.20 37.42
CA LYS D 166 18.05 -5.47 38.01
C LYS D 166 17.08 -6.22 37.11
N SER D 167 16.38 -5.50 36.23
CA SER D 167 15.57 -6.16 35.21
C SER D 167 15.39 -5.31 33.97
N VAL D 168 15.08 -6.00 32.87
CA VAL D 168 14.78 -5.38 31.59
C VAL D 168 13.37 -5.78 31.18
N THR D 169 12.52 -4.80 30.93
CA THR D 169 11.18 -5.06 30.46
C THR D 169 11.21 -5.03 28.94
N LYS D 170 10.95 -6.17 28.31
CA LYS D 170 11.06 -6.29 26.87
C LYS D 170 9.88 -5.70 26.12
N GLU D 171 8.71 -5.68 26.76
CA GLU D 171 7.44 -5.33 26.09
C GLU D 171 7.51 -4.09 25.16
N PRO D 172 7.98 -2.94 25.67
CA PRO D 172 8.06 -1.74 24.83
C PRO D 172 8.90 -1.92 23.56
N ILE D 173 9.96 -2.71 23.66
CA ILE D 173 10.85 -2.94 22.55
C ILE D 173 10.20 -3.88 21.52
N GLU D 174 9.55 -4.93 22.01
CA GLU D 174 8.87 -5.90 21.14
C GLU D 174 7.66 -5.28 20.44
N ALA D 175 6.93 -4.43 21.14
CA ALA D 175 5.77 -3.72 20.56
C ALA D 175 6.21 -2.77 19.45
N SER D 176 7.33 -2.08 19.66
CA SER D 176 7.88 -1.20 18.63
C SER D 176 8.15 -1.99 17.35
N ILE D 177 8.91 -3.08 17.50
CA ILE D 177 9.30 -3.93 16.38
C ILE D 177 8.07 -4.56 15.71
N LYS D 178 7.14 -5.08 16.50
CA LYS D 178 5.91 -5.65 15.96
C LYS D 178 5.14 -4.62 15.09
N ALA D 179 5.14 -3.35 15.49
CA ALA D 179 4.48 -2.28 14.74
C ALA D 179 5.29 -1.78 13.54
N GLY D 180 6.51 -2.30 13.36
CA GLY D 180 7.33 -1.93 12.24
C GLY D 180 8.09 -0.64 12.48
N ALA D 181 8.49 -0.40 13.73
CA ALA D 181 9.26 0.79 14.09
C ALA D 181 10.55 0.39 14.82
N LEU D 182 11.67 1.02 14.45
CA LEU D 182 12.94 0.78 15.13
C LEU D 182 12.86 1.34 16.53
N PRO D 183 13.16 0.52 17.55
CA PRO D 183 13.17 1.06 18.90
C PRO D 183 14.50 1.76 19.17
N ILE D 184 14.43 3.02 19.62
CA ILE D 184 15.61 3.83 19.85
C ILE D 184 15.61 4.15 21.35
N LEU D 185 16.54 3.53 22.07
CA LEU D 185 16.57 3.58 23.53
C LEU D 185 17.68 4.46 24.08
N THR D 186 17.40 5.07 25.23
CA THR D 186 18.42 5.63 26.09
C THR D 186 18.77 4.59 27.15
N SER D 187 19.84 4.83 27.89
CA SER D 187 20.27 3.93 28.95
C SER D 187 19.82 4.38 30.35
N LEU D 188 18.92 5.36 30.41
CA LEU D 188 18.32 5.80 31.68
C LEU D 188 17.56 4.65 32.34
N ALA D 189 17.74 4.49 33.64
CA ALA D 189 17.03 3.46 34.39
C ALA D 189 16.15 4.11 35.46
N GLU D 190 15.28 3.34 36.09
N GLU D 190 15.30 3.30 36.08
CA GLU D 190 14.38 3.87 37.09
CA GLU D 190 14.30 3.75 37.06
C GLU D 190 14.19 2.90 38.25
C GLU D 190 14.30 2.84 38.28
N THR D 191 14.21 3.42 39.46
CA THR D 191 13.87 2.64 40.66
C THR D 191 12.37 2.35 40.59
N ALA D 192 11.93 1.35 41.33
CA ALA D 192 10.53 0.96 41.35
C ALA D 192 9.63 2.17 41.65
N SER D 193 10.06 3.00 42.61
CA SER D 193 9.31 4.20 43.04
C SER D 193 9.56 5.45 42.17
N GLY D 194 10.25 5.32 41.04
CA GLY D 194 10.30 6.38 40.04
C GLY D 194 11.46 7.38 40.10
N GLN D 195 12.53 7.08 40.82
CA GLN D 195 13.73 7.91 40.76
C GLN D 195 14.59 7.45 39.58
N MET D 196 14.78 8.32 38.59
CA MET D 196 15.62 7.99 37.46
C MET D 196 17.07 7.87 37.92
N LEU D 197 17.76 6.84 37.43
CA LEU D 197 19.15 6.63 37.74
C LEU D 197 19.93 6.52 36.44
N ASN D 198 21.11 7.11 36.43
CA ASN D 198 21.98 7.15 35.29
C ASN D 198 22.71 5.81 35.16
N VAL D 199 22.79 5.27 33.95
CA VAL D 199 23.54 4.04 33.72
C VAL D 199 24.39 4.22 32.47
N ASN D 200 25.64 3.77 32.56
CA ASN D 200 26.54 3.78 31.43
C ASN D 200 25.91 3.02 30.26
N ALA D 201 25.94 3.63 29.07
CA ALA D 201 25.28 3.07 27.90
C ALA D 201 25.86 1.73 27.42
N ASP D 202 27.17 1.53 27.59
CA ASP D 202 27.79 0.22 27.30
C ASP D 202 27.17 -0.89 28.15
N VAL D 203 26.94 -0.59 29.43
CA VAL D 203 26.40 -1.56 30.40
C VAL D 203 24.93 -1.86 30.12
N ALA D 204 24.16 -0.83 29.82
CA ALA D 204 22.74 -1.02 29.51
C ALA D 204 22.60 -1.83 28.23
N ALA D 205 23.45 -1.54 27.24
CA ALA D 205 23.40 -2.29 25.99
C ALA D 205 23.69 -3.78 26.26
N GLY D 206 24.64 -4.03 27.14
CA GLY D 206 24.97 -5.38 27.57
C GLY D 206 23.82 -6.10 28.26
N GLU D 207 23.04 -5.36 29.03
CA GLU D 207 21.86 -5.94 29.69
C GLU D 207 20.79 -6.29 28.67
N LEU D 208 20.63 -5.45 27.64
CA LEU D 208 19.71 -5.75 26.54
C LEU D 208 20.14 -7.01 25.81
N ALA D 209 21.43 -7.11 25.51
CA ALA D 209 21.94 -8.28 24.81
C ALA D 209 21.72 -9.55 25.63
N ARG D 210 21.88 -9.45 26.94
CA ARG D 210 21.70 -10.58 27.85
C ARG D 210 20.29 -11.18 27.76
N VAL D 211 19.26 -10.32 27.74
CA VAL D 211 17.88 -10.82 27.75
C VAL D 211 17.32 -11.10 26.35
N PHE D 212 17.85 -10.43 25.33
CA PHE D 212 17.40 -10.67 23.95
C PHE D 212 18.24 -11.71 23.19
N GLU D 213 19.48 -11.94 23.63
CA GLU D 213 20.38 -12.91 22.99
C GLU D 213 20.36 -12.80 21.46
N PRO D 214 20.67 -11.61 20.93
CA PRO D 214 20.56 -11.38 19.50
C PRO D 214 21.65 -12.08 18.71
N LEU D 215 21.44 -12.27 17.41
CA LEU D 215 22.48 -12.82 16.54
C LEU D 215 23.74 -11.95 16.60
N LYS D 216 23.54 -10.62 16.57
CA LYS D 216 24.64 -9.68 16.45
C LYS D 216 24.63 -8.68 17.61
N ILE D 217 25.80 -8.47 18.20
CA ILE D 217 25.98 -7.50 19.27
C ILE D 217 27.05 -6.54 18.81
N VAL D 218 26.65 -5.31 18.52
CA VAL D 218 27.58 -4.32 17.96
C VAL D 218 27.65 -3.09 18.85
N TYR D 219 28.88 -2.65 19.11
CA TYR D 219 29.17 -1.39 19.77
C TYR D 219 29.82 -0.44 18.76
N LEU D 220 29.15 0.64 18.41
CA LEU D 220 29.70 1.64 17.50
C LEU D 220 30.46 2.73 18.26
N ASN D 221 31.75 2.88 17.94
CA ASN D 221 32.53 4.03 18.41
C ASN D 221 33.28 4.71 17.25
N GLU D 222 33.92 5.83 17.54
CA GLU D 222 34.58 6.63 16.53
C GLU D 222 35.92 6.05 16.11
N LYS D 223 36.60 5.38 17.04
CA LYS D 223 37.92 4.80 16.78
C LYS D 223 37.85 3.49 15.98
N GLY D 224 36.65 2.92 15.84
CA GLY D 224 36.48 1.68 15.09
C GLY D 224 37.09 0.50 15.81
N GLY D 225 36.91 0.46 17.13
CA GLY D 225 37.44 -0.61 17.94
C GLY D 225 38.20 -0.13 19.17
N ILE D 226 39.15 -0.95 19.60
CA ILE D 226 39.98 -0.68 20.75
C ILE D 226 41.45 -0.74 20.33
N ILE D 227 42.20 0.30 20.67
CA ILE D 227 43.62 0.41 20.34
C ILE D 227 44.46 -0.08 21.52
N ASN D 228 45.43 -0.93 21.23
CA ASN D 228 46.39 -1.35 22.26
C ASN D 228 47.37 -0.21 22.52
N GLY D 229 47.24 0.40 23.70
CA GLY D 229 48.06 1.55 24.08
C GLY D 229 49.57 1.33 24.04
N SER D 230 50.02 0.12 24.36
CA SER D 230 51.45 -0.16 24.39
C SER D 230 52.06 -0.29 23.00
N THR D 231 51.24 -0.46 21.96
CA THR D 231 51.75 -0.57 20.59
C THR D 231 51.18 0.43 19.58
N GLY D 232 50.08 1.09 19.92
CA GLY D 232 49.41 1.98 18.99
C GLY D 232 48.67 1.24 17.87
N GLU D 233 48.56 -0.09 18.00
CA GLU D 233 47.90 -0.90 16.99
C GLU D 233 46.50 -1.29 17.42
N LYS D 234 45.55 -1.19 16.48
CA LYS D 234 44.18 -1.63 16.73
C LYS D 234 44.18 -3.14 17.00
N ILE D 235 43.43 -3.55 18.02
CA ILE D 235 43.28 -4.96 18.37
C ILE D 235 42.19 -5.56 17.50
N SER D 236 42.53 -6.57 16.70
CA SER D 236 41.55 -7.19 15.81
C SER D 236 40.66 -8.22 16.55
N MET D 237 41.25 -8.94 17.50
CA MET D 237 40.54 -10.02 18.19
C MET D 237 41.01 -10.17 19.64
N ILE D 238 40.04 -10.28 20.54
CA ILE D 238 40.28 -10.58 21.94
C ILE D 238 39.58 -11.89 22.30
N ASN D 239 40.36 -12.88 22.68
CA ASN D 239 39.85 -14.15 23.15
C ASN D 239 39.91 -14.13 24.67
N LEU D 240 38.75 -13.95 25.30
CA LEU D 240 38.68 -13.60 26.71
C LEU D 240 39.19 -14.70 27.63
N ASP D 241 38.85 -15.96 27.35
CA ASP D 241 39.27 -17.07 28.21
C ASP D 241 40.79 -17.05 28.41
N GLU D 242 41.52 -16.90 27.31
CA GLU D 242 42.98 -16.84 27.33
C GLU D 242 43.52 -15.51 27.84
N GLU D 243 42.90 -14.41 27.42
CA GLU D 243 43.55 -13.08 27.51
C GLU D 243 42.98 -12.11 28.54
N TYR D 244 41.79 -12.37 29.07
CA TYR D 244 41.09 -11.36 29.89
C TYR D 244 41.82 -10.95 31.17
N ASP D 245 42.31 -11.91 31.94
CA ASP D 245 42.96 -11.60 33.20
C ASP D 245 44.23 -10.77 32.96
N ASP D 246 45.06 -11.22 32.03
CA ASP D 246 46.27 -10.47 31.66
C ASP D 246 45.93 -9.08 31.14
N LEU D 247 44.94 -9.01 30.26
CA LEU D 247 44.54 -7.74 29.64
C LEU D 247 44.13 -6.70 30.67
N MET D 248 43.32 -7.10 31.65
CA MET D 248 42.83 -6.19 32.67
C MET D 248 43.90 -5.73 33.66
N LYS D 249 45.05 -6.39 33.64
CA LYS D 249 46.22 -5.96 34.42
C LYS D 249 47.11 -4.95 33.68
N GLN D 250 46.88 -4.75 32.38
CA GLN D 250 47.71 -3.83 31.60
C GLN D 250 47.38 -2.39 31.96
N SER D 251 48.42 -1.58 32.21
CA SER D 251 48.26 -0.20 32.66
C SER D 251 47.60 0.73 31.64
N TRP D 252 47.66 0.39 30.34
CA TRP D 252 47.01 1.21 29.30
C TRP D 252 45.49 1.01 29.26
N VAL D 253 45.00 -0.05 29.87
CA VAL D 253 43.56 -0.35 29.92
C VAL D 253 42.95 0.44 31.08
N LYS D 254 42.28 1.54 30.76
CA LYS D 254 41.82 2.47 31.78
C LYS D 254 40.43 3.01 31.46
N TYR D 255 39.80 3.62 32.47
CA TYR D 255 38.59 4.42 32.31
C TYR D 255 37.47 3.66 31.60
N GLY D 256 36.81 4.30 30.62
CA GLY D 256 35.69 3.71 29.89
C GLY D 256 36.00 2.45 29.11
N THR D 257 37.23 2.34 28.61
CA THR D 257 37.67 1.12 27.90
C THR D 257 37.72 -0.08 28.84
N LYS D 258 38.18 0.14 30.06
CA LYS D 258 38.24 -0.93 31.05
C LYS D 258 36.82 -1.39 31.39
N LEU D 259 35.94 -0.45 31.65
CA LEU D 259 34.54 -0.75 31.94
C LEU D 259 33.88 -1.53 30.81
N LYS D 260 34.13 -1.10 29.58
CA LYS D 260 33.51 -1.72 28.40
C LYS D 260 33.94 -3.19 28.28
N ILE D 261 35.24 -3.44 28.45
CA ILE D 261 35.77 -4.79 28.32
C ILE D 261 35.20 -5.72 29.40
N ARG D 262 35.18 -5.26 30.65
CA ARG D 262 34.63 -6.05 31.74
C ARG D 262 33.15 -6.38 31.50
N GLU D 263 32.41 -5.38 31.07
CA GLU D 263 30.98 -5.53 30.81
C GLU D 263 30.74 -6.55 29.70
N ILE D 264 31.53 -6.45 28.64
CA ILE D 264 31.45 -7.40 27.53
C ILE D 264 31.83 -8.82 28.00
N LYS D 265 32.84 -8.93 28.86
CA LYS D 265 33.25 -10.22 29.41
C LYS D 265 32.15 -10.85 30.24
N GLU D 266 31.55 -10.07 31.13
CA GLU D 266 30.44 -10.57 31.96
C GLU D 266 29.23 -10.95 31.11
N LEU D 267 28.98 -10.18 30.05
CA LEU D 267 27.93 -10.52 29.09
C LEU D 267 28.20 -11.87 28.42
N LEU D 268 29.42 -12.07 27.95
CA LEU D 268 29.76 -13.29 27.20
C LEU D 268 29.85 -14.53 28.10
N ASP D 269 29.97 -14.33 29.41
CA ASP D 269 29.83 -15.43 30.37
C ASP D 269 28.43 -16.02 30.35
N TYR D 270 27.43 -15.20 30.05
CA TYR D 270 26.04 -15.66 29.98
C TYR D 270 25.67 -16.23 28.61
N LEU D 271 26.18 -15.64 27.53
CA LEU D 271 25.80 -16.08 26.18
C LEU D 271 26.52 -17.35 25.75
N PRO D 272 26.00 -18.03 24.72
CA PRO D 272 26.72 -19.19 24.18
C PRO D 272 28.07 -18.79 23.57
N ARG D 273 28.96 -19.75 23.39
CA ARG D 273 30.28 -19.48 22.82
C ARG D 273 30.22 -19.03 21.38
N SER D 274 29.12 -19.35 20.70
CA SER D 274 28.88 -18.89 19.33
C SER D 274 28.71 -17.37 19.23
N SER D 275 28.41 -16.71 20.36
CA SER D 275 28.22 -15.26 20.35
C SER D 275 29.56 -14.53 20.36
N SER D 276 29.51 -13.27 19.99
CA SER D 276 30.67 -12.40 20.03
C SER D 276 30.18 -10.96 20.04
N VAL D 277 31.07 -10.04 20.37
CA VAL D 277 30.74 -8.62 20.33
C VAL D 277 31.71 -7.91 19.40
N ALA D 278 31.18 -7.09 18.51
CA ALA D 278 31.98 -6.32 17.57
C ALA D 278 31.99 -4.87 18.01
N ILE D 279 33.19 -4.32 18.21
CA ILE D 279 33.37 -2.91 18.45
C ILE D 279 33.92 -2.29 17.15
N ILE D 280 33.08 -1.50 16.48
CA ILE D 280 33.39 -1.05 15.13
C ILE D 280 32.96 0.39 14.90
N ASN D 281 33.39 0.92 13.76
CA ASN D 281 32.95 2.19 13.24
C ASN D 281 31.73 1.95 12.38
N VAL D 282 30.90 2.98 12.21
CA VAL D 282 29.68 2.86 11.42
C VAL D 282 29.93 2.44 9.96
N GLN D 283 31.07 2.84 9.38
CA GLN D 283 31.41 2.45 8.00
C GLN D 283 31.51 0.92 7.82
N ASP D 284 31.70 0.18 8.92
CA ASP D 284 31.80 -1.28 8.85
C ASP D 284 30.53 -2.03 9.33
N LEU D 285 29.46 -1.30 9.61
CA LEU D 285 28.26 -1.92 10.20
C LEU D 285 27.62 -3.00 9.29
N GLN D 286 27.47 -2.69 8.01
CA GLN D 286 26.83 -3.62 7.07
C GLN D 286 27.63 -4.92 6.94
N LYS D 287 28.93 -4.80 6.69
CA LYS D 287 29.82 -5.96 6.64
C LYS D 287 29.68 -6.81 7.91
N GLU D 288 29.71 -6.16 9.06
CA GLU D 288 29.63 -6.85 10.34
C GLU D 288 28.27 -7.56 10.53
N LEU D 289 27.20 -6.95 10.03
CA LEU D 289 25.86 -7.52 10.23
C LEU D 289 25.55 -8.64 9.23
N PHE D 290 26.02 -8.50 7.99
CA PHE D 290 25.66 -9.42 6.93
C PHE D 290 26.62 -10.60 6.78
N THR D 291 27.86 -10.42 7.24
CA THR D 291 28.89 -11.44 7.08
C THR D 291 29.50 -11.87 8.42
N ASP D 292 30.21 -12.99 8.37
CA ASP D 292 30.98 -13.50 9.52
C ASP D 292 32.40 -12.93 9.55
N SER D 293 32.72 -12.09 8.56
CA SER D 293 34.04 -11.48 8.48
C SER D 293 33.96 -10.16 9.22
N GLY D 294 34.12 -10.23 10.54
CA GLY D 294 33.98 -9.06 11.40
C GLY D 294 34.87 -7.91 10.98
N ALA D 295 34.91 -6.88 11.80
CA ALA D 295 35.77 -5.74 11.54
C ALA D 295 36.14 -5.17 12.89
N GLY D 296 36.94 -4.11 12.89
CA GLY D 296 37.32 -3.44 14.13
C GLY D 296 37.87 -4.42 15.15
N THR D 297 37.37 -4.34 16.38
CA THR D 297 37.77 -5.23 17.45
C THR D 297 36.66 -6.20 17.77
N MET D 298 36.92 -7.48 17.55
CA MET D 298 35.98 -8.54 17.85
C MET D 298 36.34 -9.15 19.21
N ILE D 299 35.33 -9.36 20.04
CA ILE D 299 35.53 -9.98 21.33
C ILE D 299 34.68 -11.24 21.44
N ARG D 300 35.31 -12.32 21.91
CA ARG D 300 34.62 -13.57 22.14
C ARG D 300 35.31 -14.32 23.28
N ARG D 301 34.68 -15.41 23.74
CA ARG D 301 35.28 -16.26 24.76
C ARG D 301 36.50 -16.99 24.24
N GLY D 302 36.38 -17.53 23.03
CA GLY D 302 37.46 -18.30 22.40
C GLY D 302 37.21 -19.80 22.49
N TYR D 303 37.90 -20.54 21.61
CA TYR D 303 37.82 -22.00 21.59
C TYR D 303 39.17 -22.60 21.96
#